data_5DX5
#
_entry.id   5DX5
#
_cell.length_a   91.090
_cell.length_b   91.090
_cell.length_c   175.929
_cell.angle_alpha   90.00
_cell.angle_beta   90.00
_cell.angle_gamma   90.00
#
_symmetry.space_group_name_H-M   'P 43 21 2'
#
loop_
_entity.id
_entity.type
_entity.pdbx_description
1 polymer 'Methionine gamma-lyase'
2 non-polymer "PYRIDOXAL-5'-PHOSPHATE"
3 non-polymer 'CHLORIDE ION'
4 non-polymer 'SODIUM ION'
5 water water
#
_entity_poly.entity_id   1
_entity_poly.type   'polypeptide(L)'
_entity_poly.pdbx_seq_one_letter_code
;MENIKKMGFATKAIHGGHIGDKQFGSLATPIYQTSTFIFDSAEQGGRRFAGEESGYIYSRLGNPTSTEVENKLALLEGGE
AAVVAASGMGAIAASLWSALKSGDHVVASDTLYGCTFALLNHGLTRYGVEVTFVDVSNLDEVKNALKPNTKVVYLETPAN
PTLKVTDIRKISNMVHESNKECFVFVDNTFCTPYIQRPLELGADVVVHSATKYLNGHGDVIAGFAVGKEEFINQVKLFGI
KDMTGSVTGPFESFLIIRGMKTLQLRMEKHCKNAMEVAKFLESHPAVEKVYYPGLESFKYYQLAREQMKLPGAMISFELK
GGVEEGKIVMNNVKLATLAVSLGDSETLIQHPASMTHSPYTAEERKAAGISDGLVRLSVGLEDAEDIIDDLKQALDLIVK
;
_entity_poly.pdbx_strand_id   A,B
#
# COMPACT_ATOMS: atom_id res chain seq x y z
N GLU A 2 -34.44 -3.98 3.50
CA GLU A 2 -34.56 -4.16 2.06
C GLU A 2 -33.84 -5.40 1.56
N ASN A 3 -34.20 -5.79 0.35
CA ASN A 3 -33.68 -6.99 -0.31
C ASN A 3 -32.66 -6.61 -1.38
N ILE A 4 -31.60 -5.94 -0.94
CA ILE A 4 -30.67 -5.32 -1.90
C ILE A 4 -30.08 -6.37 -2.83
N LYS A 5 -29.86 -7.59 -2.33
CA LYS A 5 -29.35 -8.67 -3.17
C LYS A 5 -30.25 -8.92 -4.37
N LYS A 6 -31.57 -8.76 -4.18
CA LYS A 6 -32.53 -9.03 -5.24
C LYS A 6 -32.67 -7.91 -6.26
N MET A 7 -32.19 -6.70 -5.96
CA MET A 7 -32.41 -5.56 -6.85
C MET A 7 -31.54 -5.66 -8.11
N GLY A 8 -31.76 -4.72 -9.03
CA GLY A 8 -30.95 -4.63 -10.23
C GLY A 8 -29.51 -4.24 -9.94
N PHE A 9 -28.67 -4.33 -10.97
CA PHE A 9 -27.24 -4.05 -10.80
C PHE A 9 -26.99 -2.60 -10.38
N ALA A 10 -27.62 -1.65 -11.10
CA ALA A 10 -27.40 -0.23 -10.82
C ALA A 10 -27.86 0.13 -9.40
N THR A 11 -29.04 -0.36 -9.01
CA THR A 11 -29.51 -0.17 -7.65
C THR A 11 -28.48 -0.67 -6.63
N LYS A 12 -27.82 -1.79 -6.94
CA LYS A 12 -26.79 -2.35 -6.06
C LYS A 12 -25.54 -1.47 -6.04
N ALA A 13 -25.04 -1.08 -7.23
CA ALA A 13 -23.88 -0.22 -7.30
C ALA A 13 -24.12 1.09 -6.53
N ILE A 14 -25.31 1.66 -6.66
CA ILE A 14 -25.58 2.97 -6.05
C ILE A 14 -25.80 2.83 -4.55
N HIS A 15 -26.57 1.83 -4.13
CA HIS A 15 -27.01 1.71 -2.74
C HIS A 15 -26.28 0.63 -1.95
N GLY A 16 -25.52 -0.24 -2.60
CA GLY A 16 -25.03 -1.43 -1.92
C GLY A 16 -23.85 -1.12 -1.01
N GLY A 17 -23.88 -1.75 0.17
CA GLY A 17 -22.87 -1.55 1.19
C GLY A 17 -22.98 -0.25 1.95
N HIS A 18 -23.98 0.57 1.65
CA HIS A 18 -24.10 1.88 2.27
C HIS A 18 -24.69 1.70 3.65
N ILE A 19 -23.88 1.89 4.69
CA ILE A 19 -24.36 1.75 6.06
C ILE A 19 -25.25 2.93 6.42
N GLY A 20 -24.88 4.12 5.98
CA GLY A 20 -25.59 5.33 6.33
C GLY A 20 -24.89 6.08 7.45
N ASP A 21 -25.00 7.40 7.41
CA ASP A 21 -24.50 8.29 8.47
C ASP A 21 -25.59 8.38 9.52
N LYS A 22 -25.44 7.62 10.61
CA LYS A 22 -26.47 7.58 11.65
C LYS A 22 -26.47 8.78 12.57
N GLN A 23 -25.42 9.61 12.56
CA GLN A 23 -25.43 10.76 13.44
C GLN A 23 -26.13 11.96 12.82
N PHE A 24 -25.89 12.25 11.55
CA PHE A 24 -26.46 13.44 10.93
C PHE A 24 -27.32 13.17 9.70
N GLY A 25 -27.35 11.93 9.21
CA GLY A 25 -28.19 11.60 8.08
C GLY A 25 -27.70 12.12 6.75
N SER A 26 -26.41 12.39 6.60
CA SER A 26 -25.96 12.96 5.34
C SER A 26 -26.11 11.92 4.23
N LEU A 27 -26.51 12.40 3.05
CA LEU A 27 -26.77 11.52 1.91
C LEU A 27 -25.50 10.89 1.38
N ALA A 28 -24.47 11.70 1.12
CA ALA A 28 -23.18 11.16 0.69
C ALA A 28 -22.49 10.47 1.85
N THR A 29 -21.72 9.44 1.50
CA THR A 29 -20.88 8.73 2.45
C THR A 29 -19.81 9.65 3.01
N PRO A 30 -19.76 9.86 4.34
CA PRO A 30 -18.74 10.77 4.89
C PRO A 30 -17.35 10.24 4.61
N ILE A 31 -16.40 11.15 4.42
CA ILE A 31 -14.99 10.78 4.28
C ILE A 31 -14.43 10.71 5.70
N TYR A 32 -14.17 9.49 6.19
CA TYR A 32 -13.63 9.30 7.54
C TYR A 32 -12.10 9.37 7.47
N GLN A 33 -11.62 10.57 7.19
CA GLN A 33 -10.19 10.81 6.94
C GLN A 33 -9.51 10.88 8.30
N THR A 34 -9.33 9.71 8.89
CA THR A 34 -8.86 9.59 10.26
C THR A 34 -7.87 8.45 10.32
N SER A 35 -6.85 8.62 11.15
CA SER A 35 -5.92 7.54 11.38
C SER A 35 -6.44 6.56 12.44
N THR A 36 -7.06 7.06 13.51
CA THR A 36 -7.34 6.20 14.66
C THR A 36 -8.77 6.39 15.15
N PHE A 37 -9.16 5.52 16.07
CA PHE A 37 -10.52 5.49 16.55
C PHE A 37 -10.50 5.49 18.08
N ILE A 38 -11.60 5.96 18.67
CA ILE A 38 -11.73 6.14 20.12
C ILE A 38 -12.51 4.97 20.69
N PHE A 39 -12.03 4.44 21.81
CA PHE A 39 -12.72 3.37 22.51
C PHE A 39 -13.59 3.92 23.63
N ASP A 40 -14.76 3.32 23.83
CA ASP A 40 -15.65 3.73 24.91
C ASP A 40 -15.14 3.30 26.28
N SER A 41 -14.31 2.26 26.32
CA SER A 41 -13.71 1.77 27.56
C SER A 41 -12.43 1.05 27.18
N ALA A 42 -11.55 0.85 28.17
CA ALA A 42 -10.39 0.00 27.96
C ALA A 42 -10.79 -1.40 27.52
N GLU A 43 -11.90 -1.93 28.07
CA GLU A 43 -12.27 -3.31 27.75
C GLU A 43 -12.82 -3.45 26.34
N GLN A 44 -13.56 -2.44 25.86
CA GLN A 44 -13.97 -2.45 24.46
C GLN A 44 -12.78 -2.57 23.52
N GLY A 45 -11.71 -1.80 23.77
CA GLY A 45 -10.53 -1.91 22.94
C GLY A 45 -9.88 -3.28 23.00
N GLY A 46 -9.81 -3.87 24.20
CA GLY A 46 -9.33 -5.24 24.32
C GLY A 46 -10.18 -6.24 23.54
N ARG A 47 -11.51 -6.11 23.63
CA ARG A 47 -12.38 -7.01 22.89
C ARG A 47 -12.14 -6.90 21.39
N ARG A 48 -11.96 -5.68 20.88
CA ARG A 48 -11.78 -5.50 19.44
C ARG A 48 -10.43 -6.05 18.98
N PHE A 49 -9.35 -5.78 19.72
CA PHE A 49 -8.04 -6.37 19.41
C PHE A 49 -8.04 -7.89 19.55
N ALA A 50 -8.94 -8.47 20.35
CA ALA A 50 -8.97 -9.92 20.54
C ALA A 50 -10.00 -10.59 19.64
N GLY A 51 -10.52 -9.92 18.62
CA GLY A 51 -11.49 -10.52 17.73
C GLY A 51 -12.82 -10.89 18.37
N GLU A 52 -13.06 -10.54 19.63
CA GLU A 52 -14.34 -10.83 20.25
C GLU A 52 -15.44 -9.87 19.84
N GLU A 53 -15.10 -8.75 19.20
CA GLU A 53 -16.08 -7.72 18.91
C GLU A 53 -15.68 -7.02 17.61
N SER A 54 -16.66 -6.79 16.76
CA SER A 54 -16.49 -5.94 15.59
C SER A 54 -16.43 -4.47 15.99
N GLY A 55 -15.89 -3.67 15.09
CA GLY A 55 -15.75 -2.25 15.35
C GLY A 55 -14.39 -1.77 14.91
N TYR A 56 -14.18 -0.46 14.96
CA TYR A 56 -12.99 0.11 14.37
C TYR A 56 -11.92 0.30 15.44
N ILE A 57 -10.69 0.35 14.97
CA ILE A 57 -9.50 0.33 15.82
C ILE A 57 -8.51 1.35 15.26
N TYR A 58 -8.20 1.22 13.98
CA TYR A 58 -7.07 1.93 13.37
C TYR A 58 -7.06 1.64 11.87
N SER A 59 -6.85 2.69 11.06
CA SER A 59 -7.23 2.61 9.66
C SER A 59 -6.42 1.59 8.86
N ARG A 60 -5.21 1.21 9.30
CA ARG A 60 -4.55 0.10 8.58
C ARG A 60 -5.31 -1.22 8.76
N LEU A 61 -6.02 -1.40 9.87
CA LEU A 61 -6.85 -2.58 10.07
C LEU A 61 -8.27 -2.43 9.51
N GLY A 62 -8.71 -1.23 9.18
CA GLY A 62 -10.08 -1.01 8.73
C GLY A 62 -10.60 0.41 8.95
N ASN A 63 -11.37 0.92 7.99
CA ASN A 63 -11.90 2.29 7.95
C ASN A 63 -13.33 2.21 7.45
N PRO A 64 -14.25 3.01 8.03
CA PRO A 64 -15.66 2.93 7.62
C PRO A 64 -15.94 3.27 6.16
N THR A 65 -15.25 4.27 5.60
CA THR A 65 -15.44 4.56 4.17
C THR A 65 -14.99 3.38 3.31
N SER A 66 -13.88 2.75 3.67
CA SER A 66 -13.36 1.62 2.91
C SER A 66 -14.27 0.39 3.03
N THR A 67 -14.73 0.11 4.26
CA THR A 67 -15.71 -0.94 4.49
C THR A 67 -16.88 -0.83 3.55
N GLU A 68 -17.41 0.39 3.37
CA GLU A 68 -18.58 0.58 2.52
C GLU A 68 -18.30 0.19 1.07
N VAL A 69 -17.15 0.59 0.52
CA VAL A 69 -16.88 0.24 -0.87
C VAL A 69 -16.51 -1.23 -0.98
N GLU A 70 -15.89 -1.79 0.07
CA GLU A 70 -15.66 -3.24 0.11
C GLU A 70 -16.98 -4.00 0.05
N ASN A 71 -17.93 -3.62 0.91
CA ASN A 71 -19.25 -4.27 0.90
C ASN A 71 -19.92 -4.10 -0.47
N LYS A 72 -19.80 -2.92 -1.07
CA LYS A 72 -20.46 -2.69 -2.35
C LYS A 72 -19.88 -3.57 -3.45
N LEU A 73 -18.55 -3.73 -3.52
CA LEU A 73 -17.98 -4.54 -4.59
C LEU A 73 -18.24 -6.03 -4.36
N ALA A 74 -18.13 -6.49 -3.12
CA ALA A 74 -18.48 -7.88 -2.81
C ALA A 74 -19.90 -8.18 -3.31
N LEU A 75 -20.84 -7.28 -3.02
CA LEU A 75 -22.21 -7.47 -3.45
C LEU A 75 -22.29 -7.61 -4.97
N LEU A 76 -21.54 -6.78 -5.70
CA LEU A 76 -21.60 -6.84 -7.16
C LEU A 76 -20.97 -8.12 -7.71
N GLU A 77 -19.89 -8.60 -7.08
CA GLU A 77 -19.26 -9.84 -7.55
C GLU A 77 -20.00 -11.09 -7.07
N GLY A 78 -20.97 -10.95 -6.20
CA GLY A 78 -21.54 -12.12 -5.55
C GLY A 78 -20.62 -12.82 -4.57
N GLY A 79 -19.56 -12.14 -4.03
CA GLY A 79 -18.70 -12.73 -3.03
C GLY A 79 -19.15 -12.42 -1.59
N GLU A 80 -18.50 -13.10 -0.63
CA GLU A 80 -18.87 -12.90 0.77
C GLU A 80 -18.25 -11.64 1.35
N ALA A 81 -17.09 -11.23 0.84
CA ALA A 81 -16.29 -10.19 1.46
C ALA A 81 -15.33 -9.63 0.43
N ALA A 82 -14.73 -8.48 0.77
CA ALA A 82 -13.73 -7.85 -0.10
C ALA A 82 -12.81 -6.98 0.75
N VAL A 83 -11.60 -6.78 0.25
CA VAL A 83 -10.67 -5.85 0.86
C VAL A 83 -10.17 -4.89 -0.21
N VAL A 84 -10.18 -3.59 0.09
CA VAL A 84 -9.63 -2.60 -0.81
C VAL A 84 -8.19 -2.31 -0.40
N ALA A 85 -7.32 -2.12 -1.37
CA ALA A 85 -5.90 -1.89 -1.15
C ALA A 85 -5.48 -0.62 -1.88
N ALA A 86 -4.25 -0.17 -1.66
CA ALA A 86 -3.81 1.10 -2.21
C ALA A 86 -3.32 1.00 -3.65
N SER A 87 -3.51 -0.16 -4.30
CA SER A 87 -3.20 -0.35 -5.71
C SER A 87 -3.65 -1.76 -6.12
N GLY A 88 -3.80 -1.96 -7.44
CA GLY A 88 -4.06 -3.30 -7.94
C GLY A 88 -2.99 -4.30 -7.50
N MET A 89 -1.71 -3.95 -7.71
CA MET A 89 -0.62 -4.81 -7.27
C MET A 89 -0.68 -5.05 -5.76
N GLY A 90 -1.15 -4.07 -4.98
CA GLY A 90 -1.26 -4.26 -3.54
C GLY A 90 -2.30 -5.30 -3.17
N ALA A 91 -3.43 -5.31 -3.89
CA ALA A 91 -4.45 -6.32 -3.61
C ALA A 91 -4.01 -7.70 -4.12
N ILE A 92 -3.31 -7.74 -5.25
CA ILE A 92 -2.78 -9.00 -5.77
C ILE A 92 -1.72 -9.56 -4.82
N ALA A 93 -0.75 -8.73 -4.45
CA ALA A 93 0.35 -9.19 -3.61
C ALA A 93 -0.14 -9.62 -2.24
N ALA A 94 -1.01 -8.81 -1.62
CA ALA A 94 -1.53 -9.15 -0.30
C ALA A 94 -2.32 -10.46 -0.32
N SER A 95 -3.06 -10.72 -1.40
CA SER A 95 -3.76 -11.98 -1.53
C SER A 95 -2.80 -13.15 -1.70
N LEU A 96 -1.83 -13.00 -2.60
CA LEU A 96 -0.85 -14.06 -2.82
C LEU A 96 -0.05 -14.36 -1.56
N TRP A 97 0.46 -13.30 -0.90
CA TRP A 97 1.17 -13.48 0.37
C TRP A 97 0.33 -14.25 1.36
N SER A 98 -0.97 -13.96 1.39
CA SER A 98 -1.83 -14.52 2.41
C SER A 98 -2.17 -15.97 2.15
N ALA A 99 -1.92 -16.47 0.94
CA ALA A 99 -2.26 -17.84 0.60
C ALA A 99 -1.04 -18.72 0.44
N LEU A 100 0.15 -18.14 0.28
CA LEU A 100 1.34 -18.89 -0.04
C LEU A 100 2.29 -18.88 1.15
N LYS A 101 3.38 -19.63 0.99
CA LYS A 101 4.46 -19.72 1.95
C LYS A 101 5.61 -20.39 1.21
N SER A 102 6.82 -20.20 1.72
CA SER A 102 7.98 -20.90 1.16
C SER A 102 7.69 -22.40 1.06
N GLY A 103 8.02 -22.99 -0.08
CA GLY A 103 7.65 -24.36 -0.36
C GLY A 103 6.35 -24.55 -1.12
N ASP A 104 5.54 -23.51 -1.29
CA ASP A 104 4.33 -23.66 -2.09
C ASP A 104 4.65 -23.49 -3.58
N HIS A 105 3.65 -23.82 -4.39
CA HIS A 105 3.74 -23.77 -5.84
C HIS A 105 2.54 -23.01 -6.36
N VAL A 106 2.76 -22.27 -7.44
CA VAL A 106 1.72 -21.51 -8.13
C VAL A 106 1.76 -21.93 -9.58
N VAL A 107 0.59 -22.15 -10.18
CA VAL A 107 0.44 -22.24 -11.63
C VAL A 107 -0.19 -20.93 -12.11
N ALA A 108 0.44 -20.30 -13.10
CA ALA A 108 -0.04 -19.04 -13.62
C ALA A 108 -0.10 -19.08 -15.14
N SER A 109 -1.04 -18.30 -15.69
CA SER A 109 -1.04 -18.11 -17.13
C SER A 109 0.25 -17.44 -17.58
N ASP A 110 0.75 -17.89 -18.72
CA ASP A 110 1.90 -17.27 -19.36
C ASP A 110 1.55 -15.98 -20.08
N THR A 111 0.36 -15.45 -19.87
CA THR A 111 -0.10 -14.23 -20.56
C THR A 111 -0.79 -13.37 -19.51
N LEU A 112 -0.02 -12.46 -18.91
CA LEU A 112 -0.46 -11.67 -17.76
C LEU A 112 -0.07 -10.21 -17.92
N TYR A 113 -0.67 -9.38 -17.09
CA TYR A 113 -0.21 -8.01 -16.89
C TYR A 113 1.25 -8.01 -16.45
N GLY A 114 2.05 -7.12 -17.06
CA GLY A 114 3.50 -7.16 -16.87
C GLY A 114 3.93 -7.18 -15.41
N CYS A 115 3.37 -6.30 -14.60
CA CYS A 115 3.86 -6.23 -13.23
C CYS A 115 3.39 -7.44 -12.41
N THR A 116 2.20 -7.99 -12.72
CA THR A 116 1.81 -9.26 -12.12
C THR A 116 2.81 -10.35 -12.49
N PHE A 117 3.22 -10.39 -13.76
CA PHE A 117 4.22 -11.35 -14.17
C PHE A 117 5.54 -11.17 -13.41
N ALA A 118 5.98 -9.91 -13.25
CA ALA A 118 7.23 -9.65 -12.55
C ALA A 118 7.16 -10.13 -11.12
N LEU A 119 6.05 -9.82 -10.44
CA LEU A 119 5.83 -10.27 -9.08
C LEU A 119 5.89 -11.78 -8.96
N LEU A 120 5.27 -12.49 -9.90
CA LEU A 120 5.28 -13.95 -9.88
C LEU A 120 6.64 -14.49 -10.23
N ASN A 121 7.24 -13.98 -11.31
CA ASN A 121 8.42 -14.61 -11.86
C ASN A 121 9.67 -14.22 -11.09
N HIS A 122 9.75 -12.97 -10.67
CA HIS A 122 10.95 -12.49 -10.02
C HIS A 122 10.77 -12.22 -8.54
N GLY A 123 9.53 -12.02 -8.07
CA GLY A 123 9.29 -11.65 -6.70
C GLY A 123 9.07 -12.82 -5.76
N LEU A 124 8.06 -13.65 -6.04
CA LEU A 124 7.74 -14.76 -5.13
C LEU A 124 8.82 -15.84 -5.18
N THR A 125 9.40 -16.07 -6.35
CA THR A 125 10.46 -17.08 -6.46
C THR A 125 11.66 -16.71 -5.62
N ARG A 126 11.86 -15.41 -5.37
CA ARG A 126 12.91 -14.96 -4.46
C ARG A 126 12.67 -15.41 -3.02
N TYR A 127 11.47 -15.87 -2.71
CA TYR A 127 11.09 -16.17 -1.34
C TYR A 127 10.56 -17.59 -1.23
N GLY A 128 11.14 -18.50 -2.03
CA GLY A 128 10.89 -19.91 -1.94
C GLY A 128 9.59 -20.41 -2.53
N VAL A 129 8.86 -19.58 -3.25
CA VAL A 129 7.65 -20.04 -3.91
C VAL A 129 8.00 -20.47 -5.32
N GLU A 130 7.43 -21.58 -5.77
CA GLU A 130 7.69 -22.07 -7.12
C GLU A 130 6.53 -21.72 -8.04
N VAL A 131 6.85 -21.28 -9.25
CA VAL A 131 5.84 -20.81 -10.19
C VAL A 131 6.03 -21.52 -11.52
N THR A 132 4.97 -22.15 -12.03
CA THR A 132 4.96 -22.70 -13.38
C THR A 132 4.03 -21.85 -14.25
N PHE A 133 4.55 -21.34 -15.36
CA PHE A 133 3.71 -20.62 -16.33
C PHE A 133 3.21 -21.57 -17.42
N VAL A 134 1.91 -21.46 -17.74
CA VAL A 134 1.28 -22.35 -18.72
C VAL A 134 0.40 -21.55 -19.68
N ASP A 135 0.15 -22.16 -20.83
CA ASP A 135 -0.88 -21.72 -21.77
C ASP A 135 -2.22 -22.27 -21.30
N VAL A 136 -3.05 -21.40 -20.73
CA VAL A 136 -4.36 -21.79 -20.22
C VAL A 136 -5.34 -22.25 -21.28
N SER A 137 -5.03 -22.06 -22.57
CA SER A 137 -5.90 -22.61 -23.61
C SER A 137 -5.76 -24.11 -23.72
N ASN A 138 -4.61 -24.64 -23.29
CA ASN A 138 -4.27 -26.06 -23.41
C ASN A 138 -4.50 -26.71 -22.04
N LEU A 139 -5.76 -27.07 -21.77
CA LEU A 139 -6.16 -27.61 -20.47
C LEU A 139 -5.28 -28.78 -20.03
N ASP A 140 -4.81 -29.58 -20.98
CA ASP A 140 -3.94 -30.69 -20.60
C ASP A 140 -2.58 -30.18 -20.12
N GLU A 141 -2.12 -29.07 -20.67
CA GLU A 141 -0.88 -28.51 -20.17
C GLU A 141 -1.07 -27.90 -18.79
N VAL A 142 -2.29 -27.44 -18.48
CA VAL A 142 -2.52 -26.88 -17.16
C VAL A 142 -2.57 -27.99 -16.12
N LYS A 143 -3.39 -29.02 -16.35
CA LYS A 143 -3.50 -30.13 -15.40
C LYS A 143 -2.15 -30.81 -15.19
N ASN A 144 -1.27 -30.77 -16.18
CA ASN A 144 0.05 -31.37 -16.03
C ASN A 144 0.95 -30.57 -15.09
N ALA A 145 0.78 -29.24 -15.03
CA ALA A 145 1.64 -28.42 -14.18
C ALA A 145 1.20 -28.45 -12.71
N LEU A 146 0.01 -28.97 -12.43
CA LEU A 146 -0.46 -29.09 -11.06
C LEU A 146 0.44 -30.04 -10.28
N LYS A 147 0.79 -29.63 -9.07
CA LYS A 147 1.62 -30.35 -8.11
C LYS A 147 0.85 -30.43 -6.81
N PRO A 148 1.21 -31.36 -5.92
CA PRO A 148 0.50 -31.43 -4.64
C PRO A 148 0.66 -30.19 -3.78
N ASN A 149 1.73 -29.40 -3.96
CA ASN A 149 1.88 -28.16 -3.21
C ASN A 149 1.35 -26.93 -3.96
N THR A 150 0.67 -27.13 -5.08
CA THR A 150 0.09 -26.00 -5.81
C THR A 150 -1.03 -25.38 -4.98
N LYS A 151 -0.84 -24.14 -4.55
CA LYS A 151 -1.82 -23.49 -3.71
C LYS A 151 -2.59 -22.39 -4.42
N VAL A 152 -2.04 -21.85 -5.52
CA VAL A 152 -2.72 -20.82 -6.30
C VAL A 152 -2.63 -21.19 -7.76
N VAL A 153 -3.77 -21.14 -8.46
CA VAL A 153 -3.82 -21.08 -9.91
C VAL A 153 -4.29 -19.67 -10.25
N TYR A 154 -3.46 -18.93 -10.97
CA TYR A 154 -3.67 -17.50 -11.17
C TYR A 154 -4.03 -17.22 -12.63
N LEU A 155 -5.19 -16.63 -12.85
CA LEU A 155 -5.70 -16.39 -14.19
C LEU A 155 -6.02 -14.91 -14.34
N GLU A 156 -6.13 -14.49 -15.60
CA GLU A 156 -6.46 -13.12 -15.97
C GLU A 156 -7.19 -13.19 -17.31
N THR A 157 -8.46 -12.82 -17.34
CA THR A 157 -9.22 -12.98 -18.57
C THR A 157 -10.31 -11.92 -18.72
N PRO A 158 -10.33 -11.22 -19.87
CA PRO A 158 -9.29 -11.24 -20.93
C PRO A 158 -7.94 -10.72 -20.44
N ALA A 159 -6.86 -11.12 -21.09
CA ALA A 159 -5.52 -10.76 -20.64
C ALA A 159 -4.89 -9.70 -21.53
N ASN A 160 -3.81 -9.11 -21.02
CA ASN A 160 -2.86 -8.36 -21.84
C ASN A 160 -2.01 -9.32 -22.69
N PRO A 161 -1.50 -8.83 -23.83
CA PRO A 161 -1.75 -7.56 -24.51
C PRO A 161 -2.78 -7.73 -25.62
N THR A 162 -3.26 -8.96 -25.78
CA THR A 162 -3.96 -9.39 -26.98
C THR A 162 -5.33 -9.97 -26.63
N LEU A 163 -5.72 -9.91 -25.35
CA LEU A 163 -7.08 -10.19 -24.91
C LEU A 163 -7.42 -11.68 -25.01
N LYS A 164 -6.45 -12.55 -24.76
CA LYS A 164 -6.72 -13.98 -24.66
C LYS A 164 -7.75 -14.26 -23.58
N VAL A 165 -8.75 -15.06 -23.92
CA VAL A 165 -9.79 -15.46 -22.97
C VAL A 165 -9.49 -16.85 -22.42
N THR A 166 -9.80 -17.05 -21.14
CA THR A 166 -9.56 -18.29 -20.40
C THR A 166 -10.90 -18.84 -19.91
N ASP A 167 -11.11 -20.14 -20.11
CA ASP A 167 -12.33 -20.82 -19.69
C ASP A 167 -12.30 -20.95 -18.16
N ILE A 168 -12.99 -20.05 -17.47
CA ILE A 168 -12.89 -19.99 -16.01
C ILE A 168 -13.45 -21.27 -15.39
N ARG A 169 -14.64 -21.68 -15.84
CA ARG A 169 -15.31 -22.79 -15.17
C ARG A 169 -14.61 -24.12 -15.42
N LYS A 170 -14.04 -24.33 -16.63
CA LYS A 170 -13.39 -25.60 -16.92
C LYS A 170 -12.13 -25.79 -16.09
N ILE A 171 -11.28 -24.77 -16.04
CA ILE A 171 -10.02 -24.89 -15.32
C ILE A 171 -10.27 -24.99 -13.83
N SER A 172 -11.25 -24.26 -13.31
CA SER A 172 -11.47 -24.29 -11.88
C SER A 172 -12.13 -25.60 -11.48
N ASN A 173 -13.09 -26.07 -12.28
CA ASN A 173 -13.65 -27.40 -12.08
C ASN A 173 -12.55 -28.45 -12.09
N MET A 174 -11.63 -28.34 -13.04
CA MET A 174 -10.47 -29.22 -13.07
C MET A 174 -9.63 -29.07 -11.81
N VAL A 175 -9.21 -27.85 -11.50
CA VAL A 175 -8.29 -27.62 -10.38
C VAL A 175 -8.90 -28.09 -9.07
N HIS A 176 -10.22 -27.91 -8.91
CA HIS A 176 -10.83 -28.17 -7.61
C HIS A 176 -10.93 -29.65 -7.30
N GLU A 177 -11.22 -30.49 -8.30
CA GLU A 177 -11.25 -31.92 -8.01
C GLU A 177 -9.86 -32.54 -8.00
N SER A 178 -8.88 -31.92 -8.67
CA SER A 178 -7.50 -32.40 -8.57
C SER A 178 -6.86 -32.04 -7.23
N ASN A 179 -7.06 -30.82 -6.74
CA ASN A 179 -6.49 -30.38 -5.46
C ASN A 179 -7.54 -29.59 -4.68
N LYS A 180 -7.87 -30.09 -3.49
CA LYS A 180 -8.95 -29.51 -2.70
C LYS A 180 -8.54 -28.20 -2.02
N GLU A 181 -7.25 -27.98 -1.79
CA GLU A 181 -6.81 -26.79 -1.07
C GLU A 181 -6.37 -25.66 -1.98
N CYS A 182 -6.49 -25.82 -3.30
CA CYS A 182 -5.97 -24.82 -4.22
C CYS A 182 -6.99 -23.69 -4.43
N PHE A 183 -6.53 -22.46 -4.19
CA PHE A 183 -7.28 -21.27 -4.60
C PHE A 183 -7.13 -21.03 -6.10
N VAL A 184 -8.24 -20.69 -6.76
CA VAL A 184 -8.21 -20.18 -8.13
C VAL A 184 -8.43 -18.66 -8.08
N PHE A 185 -7.41 -17.91 -8.51
CA PHE A 185 -7.46 -16.44 -8.60
C PHE A 185 -7.84 -16.04 -10.02
N VAL A 186 -8.78 -15.11 -10.17
CA VAL A 186 -9.08 -14.54 -11.48
C VAL A 186 -8.99 -13.02 -11.38
N ASP A 187 -8.10 -12.43 -12.17
CA ASP A 187 -8.05 -10.99 -12.33
C ASP A 187 -9.19 -10.55 -13.25
N ASN A 188 -10.09 -9.74 -12.70
CA ASN A 188 -11.32 -9.35 -13.36
C ASN A 188 -11.34 -7.85 -13.72
N THR A 189 -10.16 -7.24 -13.85
CA THR A 189 -10.05 -5.81 -14.07
C THR A 189 -10.78 -5.37 -15.35
N PHE A 190 -10.44 -6.00 -16.48
CA PHE A 190 -10.95 -5.58 -17.78
C PHE A 190 -12.47 -5.67 -17.87
N CYS A 191 -13.10 -6.57 -17.10
CA CYS A 191 -14.55 -6.76 -17.22
C CYS A 191 -15.36 -5.92 -16.22
N THR A 192 -14.95 -5.90 -14.94
CA THR A 192 -15.74 -5.47 -13.80
C THR A 192 -16.86 -6.49 -13.56
N PRO A 193 -17.47 -6.49 -12.37
CA PRO A 193 -18.62 -7.39 -12.14
C PRO A 193 -19.84 -7.14 -13.03
N TYR A 194 -19.89 -6.02 -13.77
CA TYR A 194 -21.02 -5.78 -14.66
C TYR A 194 -20.99 -6.73 -15.85
N ILE A 195 -19.80 -7.14 -16.28
CA ILE A 195 -19.63 -7.95 -17.47
C ILE A 195 -19.34 -9.40 -17.14
N GLN A 196 -18.49 -9.65 -16.15
CA GLN A 196 -18.03 -10.99 -15.81
C GLN A 196 -17.96 -11.13 -14.29
N ARG A 197 -18.36 -12.31 -13.79
CA ARG A 197 -18.33 -12.61 -12.36
C ARG A 197 -17.66 -13.96 -12.13
N PRO A 198 -16.34 -13.98 -11.98
CA PRO A 198 -15.62 -15.27 -11.90
C PRO A 198 -16.06 -16.15 -10.76
N LEU A 199 -16.53 -15.60 -9.64
CA LEU A 199 -16.89 -16.48 -8.53
C LEU A 199 -18.09 -17.35 -8.87
N GLU A 200 -19.00 -16.88 -9.70
CA GLU A 200 -20.08 -17.76 -10.08
C GLU A 200 -19.64 -18.74 -11.18
N LEU A 201 -18.49 -18.52 -11.77
CA LEU A 201 -17.91 -19.49 -12.70
C LEU A 201 -16.95 -20.46 -12.02
N GLY A 202 -16.91 -20.47 -10.68
CA GLY A 202 -16.09 -21.42 -9.94
C GLY A 202 -14.77 -20.89 -9.42
N ALA A 203 -14.45 -19.62 -9.64
CA ALA A 203 -13.25 -19.06 -9.07
C ALA A 203 -13.42 -18.91 -7.56
N ASP A 204 -12.29 -18.87 -6.85
CA ASP A 204 -12.31 -18.68 -5.41
C ASP A 204 -12.06 -17.23 -5.00
N VAL A 205 -11.10 -16.58 -5.64
CA VAL A 205 -10.67 -15.21 -5.33
C VAL A 205 -10.67 -14.40 -6.63
N VAL A 206 -11.32 -13.24 -6.60
CA VAL A 206 -11.26 -12.26 -7.69
C VAL A 206 -10.42 -11.08 -7.24
N VAL A 207 -9.47 -10.64 -8.08
CA VAL A 207 -8.69 -9.44 -7.85
C VAL A 207 -9.06 -8.35 -8.88
N HIS A 208 -8.95 -7.08 -8.47
CA HIS A 208 -9.26 -5.93 -9.31
C HIS A 208 -8.21 -4.85 -9.16
N SER A 209 -7.83 -4.25 -10.29
CA SER A 209 -7.22 -2.93 -10.24
C SER A 209 -8.38 -1.94 -10.34
N ALA A 210 -8.75 -1.33 -9.21
CA ALA A 210 -9.82 -0.34 -9.27
C ALA A 210 -9.37 0.98 -9.89
N THR A 211 -8.07 1.16 -10.09
CA THR A 211 -7.50 2.24 -10.85
C THR A 211 -8.14 2.39 -12.24
N LYS A 212 -8.57 1.25 -12.80
CA LYS A 212 -9.16 1.21 -14.15
C LYS A 212 -10.64 1.46 -14.12
N TYR A 213 -11.48 0.54 -14.59
CA TYR A 213 -12.91 0.85 -14.76
C TYR A 213 -13.72 1.11 -13.48
N LEU A 214 -13.38 0.47 -12.36
CA LEU A 214 -14.20 0.59 -11.15
C LEU A 214 -14.22 2.03 -10.62
N ASN A 215 -13.04 2.64 -10.43
CA ASN A 215 -13.01 4.06 -10.18
C ASN A 215 -13.43 4.84 -11.43
N GLY A 216 -12.77 4.58 -12.55
CA GLY A 216 -13.22 5.02 -13.85
C GLY A 216 -12.93 6.46 -14.21
N HIS A 217 -12.26 7.23 -13.34
CA HIS A 217 -12.08 8.66 -13.56
C HIS A 217 -10.62 9.10 -13.52
N GLY A 218 -9.67 8.16 -13.53
CA GLY A 218 -8.26 8.48 -13.68
C GLY A 218 -7.62 9.26 -12.56
N ASP A 219 -8.17 9.17 -11.35
CA ASP A 219 -7.68 9.96 -10.24
C ASP A 219 -7.44 9.11 -8.99
N VAL A 220 -7.44 7.79 -9.12
CA VAL A 220 -7.23 6.88 -7.98
C VAL A 220 -6.35 5.72 -8.41
N ILE A 221 -5.37 5.39 -7.58
CA ILE A 221 -4.66 4.11 -7.66
C ILE A 221 -5.19 3.26 -6.51
N ALA A 222 -5.80 2.11 -6.83
CA ALA A 222 -6.39 1.26 -5.81
C ALA A 222 -6.65 -0.14 -6.35
N GLY A 223 -6.87 -1.09 -5.42
CA GLY A 223 -7.15 -2.46 -5.79
C GLY A 223 -8.20 -3.06 -4.88
N PHE A 224 -8.67 -4.25 -5.27
CA PHE A 224 -9.58 -5.06 -4.49
C PHE A 224 -9.20 -6.53 -4.60
N ALA A 225 -9.54 -7.30 -3.57
CA ALA A 225 -9.68 -8.73 -3.68
C ALA A 225 -11.04 -9.11 -3.11
N VAL A 226 -11.67 -10.09 -3.74
CA VAL A 226 -13.01 -10.53 -3.37
C VAL A 226 -13.00 -12.04 -3.16
N GLY A 227 -13.72 -12.53 -2.15
CA GLY A 227 -13.87 -13.96 -1.98
C GLY A 227 -14.54 -14.33 -0.66
N LYS A 228 -14.22 -15.53 -0.17
CA LYS A 228 -14.81 -16.02 1.07
C LYS A 228 -14.39 -15.17 2.26
N GLU A 229 -15.33 -14.91 3.16
CA GLU A 229 -15.03 -14.12 4.35
C GLU A 229 -13.80 -14.65 5.07
N GLU A 230 -13.62 -15.96 5.11
CA GLU A 230 -12.51 -16.49 5.88
C GLU A 230 -11.17 -16.14 5.27
N PHE A 231 -11.02 -16.25 3.95
CA PHE A 231 -9.74 -15.89 3.35
C PHE A 231 -9.53 -14.38 3.35
N ILE A 232 -10.56 -13.59 3.04
CA ILE A 232 -10.41 -12.14 2.96
C ILE A 232 -10.01 -11.58 4.32
N ASN A 233 -10.47 -12.21 5.41
CA ASN A 233 -10.08 -11.79 6.75
C ASN A 233 -8.57 -11.93 6.94
N GLN A 234 -7.98 -12.99 6.41
CA GLN A 234 -6.54 -13.15 6.48
C GLN A 234 -5.81 -12.22 5.52
N VAL A 235 -6.38 -11.93 4.36
CA VAL A 235 -5.80 -10.90 3.51
C VAL A 235 -5.78 -9.55 4.25
N LYS A 236 -6.86 -9.23 4.95
CA LYS A 236 -6.88 -8.01 5.75
C LYS A 236 -5.89 -8.08 6.92
N LEU A 237 -6.00 -9.11 7.75
CA LEU A 237 -5.24 -9.13 9.00
C LEU A 237 -3.82 -9.64 8.85
N PHE A 238 -3.41 -10.06 7.66
CA PHE A 238 -2.03 -10.49 7.43
C PHE A 238 -1.48 -9.81 6.19
N GLY A 239 -2.14 -10.02 5.05
CA GLY A 239 -1.63 -9.51 3.80
C GLY A 239 -1.55 -8.00 3.75
N ILE A 240 -2.55 -7.34 4.32
CA ILE A 240 -2.58 -5.87 4.38
C ILE A 240 -1.89 -5.37 5.65
N LYS A 241 -2.23 -5.98 6.79
CA LYS A 241 -1.82 -5.42 8.08
C LYS A 241 -0.31 -5.46 8.28
N ASP A 242 0.35 -6.50 7.76
CA ASP A 242 1.76 -6.75 8.00
C ASP A 242 2.58 -6.80 6.71
N MET A 243 2.15 -7.59 5.71
CA MET A 243 3.03 -7.97 4.62
C MET A 243 3.15 -6.89 3.55
N THR A 244 2.10 -6.12 3.30
CA THR A 244 2.13 -5.11 2.26
C THR A 244 1.90 -3.69 2.76
N GLY A 245 1.15 -3.50 3.84
CA GLY A 245 0.82 -2.16 4.29
C GLY A 245 0.08 -1.33 3.26
N SER A 246 -0.67 -1.98 2.38
CA SER A 246 -1.29 -1.37 1.20
C SER A 246 -2.66 -0.80 1.57
N VAL A 247 -2.63 0.29 2.32
CA VAL A 247 -3.81 0.88 2.94
C VAL A 247 -4.33 2.00 2.04
N THR A 248 -5.55 1.81 1.52
CA THR A 248 -6.24 2.86 0.78
C THR A 248 -6.54 4.06 1.66
N GLY A 249 -6.27 5.25 1.16
CA GLY A 249 -6.73 6.46 1.81
C GLY A 249 -8.25 6.51 1.83
N PRO A 250 -8.85 6.88 2.96
CA PRO A 250 -10.32 7.02 3.00
C PRO A 250 -10.83 7.93 1.90
N PHE A 251 -10.05 8.94 1.54
CA PHE A 251 -10.39 9.83 0.44
C PHE A 251 -10.48 9.06 -0.86
N GLU A 252 -9.51 8.19 -1.12
CA GLU A 252 -9.54 7.40 -2.35
C GLU A 252 -10.76 6.47 -2.38
N SER A 253 -11.07 5.85 -1.24
CA SER A 253 -12.25 5.00 -1.14
C SER A 253 -13.52 5.79 -1.44
N PHE A 254 -13.59 7.02 -0.94
CA PHE A 254 -14.72 7.88 -1.27
C PHE A 254 -14.84 8.08 -2.77
N LEU A 255 -13.71 8.33 -3.44
CA LEU A 255 -13.72 8.56 -4.88
C LEU A 255 -14.13 7.30 -5.62
N ILE A 256 -13.70 6.12 -5.15
CA ILE A 256 -14.12 4.89 -5.81
C ILE A 256 -15.61 4.69 -5.65
N ILE A 257 -16.14 4.93 -4.46
CA ILE A 257 -17.59 4.88 -4.24
C ILE A 257 -18.30 5.80 -5.22
N ARG A 258 -17.86 7.05 -5.29
CA ARG A 258 -18.41 8.03 -6.22
C ARG A 258 -18.36 7.53 -7.66
N GLY A 259 -17.21 6.99 -8.07
CA GLY A 259 -17.08 6.47 -9.42
C GLY A 259 -18.00 5.30 -9.70
N MET A 260 -18.30 4.50 -8.68
CA MET A 260 -19.13 3.32 -8.90
C MET A 260 -20.60 3.67 -9.06
N LYS A 261 -21.03 4.88 -8.71
CA LYS A 261 -22.42 5.27 -8.93
C LYS A 261 -22.81 5.19 -10.40
N THR A 262 -21.84 5.29 -11.31
CA THR A 262 -22.13 5.31 -12.74
C THR A 262 -21.52 4.12 -13.46
N LEU A 263 -21.06 3.11 -12.73
CA LEU A 263 -20.38 1.98 -13.33
C LEU A 263 -21.23 1.32 -14.41
N GLN A 264 -22.48 0.99 -14.09
CA GLN A 264 -23.36 0.41 -15.11
C GLN A 264 -23.40 1.29 -16.36
N LEU A 265 -23.62 2.61 -16.17
CA LEU A 265 -23.71 3.52 -17.31
C LEU A 265 -22.39 3.60 -18.07
N ARG A 266 -21.27 3.62 -17.36
CA ARG A 266 -19.99 3.77 -18.03
C ARG A 266 -19.62 2.51 -18.81
N MET A 267 -19.86 1.33 -18.23
CA MET A 267 -19.55 0.09 -18.93
C MET A 267 -20.37 -0.04 -20.21
N GLU A 268 -21.65 0.32 -20.16
CA GLU A 268 -22.46 0.31 -21.37
C GLU A 268 -21.86 1.20 -22.47
N LYS A 269 -21.49 2.44 -22.12
CA LYS A 269 -20.97 3.36 -23.14
C LYS A 269 -19.58 2.95 -23.62
N HIS A 270 -18.72 2.52 -22.72
CA HIS A 270 -17.42 1.98 -23.11
C HIS A 270 -17.56 0.88 -24.17
N CYS A 271 -18.50 -0.04 -23.94
CA CYS A 271 -18.66 -1.19 -24.81
C CYS A 271 -19.36 -0.83 -26.13
N LYS A 272 -20.41 -0.01 -26.07
CA LYS A 272 -21.02 0.49 -27.31
C LYS A 272 -19.97 1.19 -28.19
N ASN A 273 -19.19 2.09 -27.60
CA ASN A 273 -18.14 2.78 -28.37
C ASN A 273 -17.11 1.81 -28.93
N ALA A 274 -16.65 0.85 -28.12
CA ALA A 274 -15.58 -0.05 -28.55
C ALA A 274 -16.04 -0.97 -29.67
N MET A 275 -17.30 -1.41 -29.63
CA MET A 275 -17.82 -2.22 -30.73
C MET A 275 -17.80 -1.45 -32.05
N GLU A 276 -18.16 -0.16 -32.03
CA GLU A 276 -18.06 0.66 -33.23
C GLU A 276 -16.60 0.90 -33.64
N VAL A 277 -15.72 1.09 -32.67
CA VAL A 277 -14.31 1.32 -33.01
C VAL A 277 -13.67 0.05 -33.56
N ALA A 278 -14.08 -1.12 -33.06
CA ALA A 278 -13.47 -2.36 -33.54
C ALA A 278 -13.89 -2.67 -34.98
N LYS A 279 -15.19 -2.53 -35.30
CA LYS A 279 -15.66 -2.68 -36.67
C LYS A 279 -14.86 -1.80 -37.62
N PHE A 280 -14.76 -0.50 -37.29
CA PHE A 280 -14.05 0.43 -38.15
C PHE A 280 -12.60 0.02 -38.33
N LEU A 281 -11.93 -0.37 -37.24
CA LEU A 281 -10.53 -0.74 -37.34
C LEU A 281 -10.33 -1.96 -38.23
N GLU A 282 -11.24 -2.92 -38.17
CA GLU A 282 -11.05 -4.12 -38.97
C GLU A 282 -11.18 -3.81 -40.45
N SER A 283 -12.12 -2.94 -40.81
CA SER A 283 -12.25 -2.52 -42.20
C SER A 283 -11.20 -1.51 -42.62
N HIS A 284 -10.24 -1.18 -41.76
CA HIS A 284 -9.38 -0.13 -42.28
C HIS A 284 -8.14 -0.73 -42.93
N PRO A 285 -7.68 -0.15 -44.05
CA PRO A 285 -6.59 -0.77 -44.82
C PRO A 285 -5.26 -0.81 -44.12
N ALA A 286 -5.00 0.08 -43.16
CA ALA A 286 -3.72 0.06 -42.46
C ALA A 286 -3.66 -1.01 -41.37
N VAL A 287 -4.77 -1.67 -41.07
CA VAL A 287 -4.90 -2.53 -39.90
C VAL A 287 -4.82 -3.98 -40.35
N GLU A 288 -3.86 -4.70 -39.78
CA GLU A 288 -3.62 -6.10 -40.12
C GLU A 288 -4.61 -7.03 -39.42
N LYS A 289 -4.73 -6.89 -38.09
CA LYS A 289 -5.63 -7.72 -37.29
C LYS A 289 -6.10 -6.90 -36.10
N VAL A 290 -7.36 -7.11 -35.70
CA VAL A 290 -7.98 -6.48 -34.54
C VAL A 290 -8.30 -7.57 -33.52
N TYR A 291 -7.89 -7.36 -32.26
CA TYR A 291 -8.23 -8.28 -31.17
C TYR A 291 -9.37 -7.66 -30.37
N TYR A 292 -10.59 -8.14 -30.59
CA TYR A 292 -11.74 -7.66 -29.84
C TYR A 292 -12.71 -8.80 -29.59
N PRO A 293 -13.09 -9.05 -28.33
CA PRO A 293 -14.04 -10.16 -28.05
C PRO A 293 -15.36 -10.05 -28.78
N GLY A 294 -15.78 -8.85 -29.17
CA GLY A 294 -17.04 -8.66 -29.86
C GLY A 294 -17.00 -8.87 -31.35
N LEU A 295 -15.83 -9.13 -31.93
CA LEU A 295 -15.69 -9.42 -33.35
C LEU A 295 -15.73 -10.93 -33.59
N GLU A 296 -16.57 -11.36 -34.52
CA GLU A 296 -16.70 -12.80 -34.79
C GLU A 296 -15.42 -13.38 -35.37
N SER A 297 -14.49 -12.55 -35.83
CA SER A 297 -13.16 -13.01 -36.22
C SER A 297 -12.28 -13.38 -35.04
N PHE A 298 -12.68 -13.05 -33.82
CA PHE A 298 -11.81 -13.21 -32.66
C PHE A 298 -11.73 -14.68 -32.26
N LYS A 299 -10.50 -15.15 -32.01
CA LYS A 299 -10.24 -16.56 -31.72
C LYS A 299 -11.08 -17.08 -30.57
N TYR A 300 -11.32 -16.25 -29.55
CA TYR A 300 -12.08 -16.71 -28.39
C TYR A 300 -13.47 -16.10 -28.33
N TYR A 301 -14.04 -15.78 -29.51
CA TYR A 301 -15.35 -15.12 -29.57
C TYR A 301 -16.41 -15.90 -28.81
N GLN A 302 -16.51 -17.20 -29.07
CA GLN A 302 -17.58 -17.99 -28.47
C GLN A 302 -17.41 -18.13 -26.96
N LEU A 303 -16.18 -18.38 -26.52
CA LEU A 303 -15.94 -18.50 -25.08
C LEU A 303 -16.21 -17.17 -24.38
N ALA A 304 -15.79 -16.06 -24.99
CA ALA A 304 -16.09 -14.75 -24.43
C ALA A 304 -17.59 -14.52 -24.33
N ARG A 305 -18.34 -14.95 -25.35
CA ARG A 305 -19.79 -14.82 -25.36
C ARG A 305 -20.45 -15.66 -24.27
N GLU A 306 -19.75 -16.66 -23.75
CA GLU A 306 -20.29 -17.45 -22.65
C GLU A 306 -19.99 -16.84 -21.28
N GLN A 307 -18.84 -16.18 -21.12
CA GLN A 307 -18.39 -15.65 -19.83
C GLN A 307 -18.68 -14.17 -19.61
N MET A 308 -18.86 -13.38 -20.66
CA MET A 308 -18.86 -11.93 -20.55
C MET A 308 -20.19 -11.38 -21.04
N LYS A 309 -20.81 -10.55 -20.20
CA LYS A 309 -22.10 -9.96 -20.56
C LYS A 309 -21.97 -9.08 -21.79
N LEU A 310 -20.84 -8.38 -21.93
CA LEU A 310 -20.50 -7.54 -23.06
C LEU A 310 -19.08 -7.85 -23.46
N PRO A 311 -18.67 -7.51 -24.68
CA PRO A 311 -17.31 -7.81 -25.14
C PRO A 311 -16.22 -6.90 -24.58
N GLY A 312 -16.53 -6.07 -23.59
CA GLY A 312 -15.56 -5.18 -23.02
C GLY A 312 -15.29 -3.99 -23.93
N ALA A 313 -14.26 -3.24 -23.54
CA ALA A 313 -13.92 -2.00 -24.21
C ALA A 313 -12.42 -1.86 -24.42
N MET A 314 -11.66 -2.91 -24.18
CA MET A 314 -10.26 -2.94 -24.56
C MET A 314 -10.14 -3.45 -26.00
N ILE A 315 -9.18 -2.91 -26.73
CA ILE A 315 -8.95 -3.29 -28.12
C ILE A 315 -7.45 -3.33 -28.37
N SER A 316 -6.95 -4.47 -28.81
CA SER A 316 -5.61 -4.53 -29.38
C SER A 316 -5.73 -4.73 -30.89
N PHE A 317 -4.82 -4.11 -31.64
CA PHE A 317 -4.81 -4.34 -33.07
C PHE A 317 -3.39 -4.23 -33.58
N GLU A 318 -3.10 -4.98 -34.64
CA GLU A 318 -1.79 -4.99 -35.26
C GLU A 318 -1.84 -4.17 -36.54
N LEU A 319 -0.91 -3.23 -36.67
CA LEU A 319 -0.77 -2.48 -37.90
C LEU A 319 -0.09 -3.33 -38.95
N LYS A 320 -0.49 -3.13 -40.21
CA LYS A 320 0.38 -3.50 -41.30
C LYS A 320 1.61 -2.59 -41.20
N GLY A 321 2.68 -3.08 -40.61
CA GLY A 321 3.85 -2.27 -40.40
C GLY A 321 4.53 -2.66 -39.10
N GLY A 322 5.50 -1.84 -38.71
CA GLY A 322 6.27 -2.10 -37.51
C GLY A 322 6.45 -0.86 -36.67
N VAL A 323 7.56 -0.80 -35.93
CA VAL A 323 7.76 0.23 -34.92
C VAL A 323 7.55 1.62 -35.53
N GLU A 324 8.15 1.85 -36.70
CA GLU A 324 8.00 3.16 -37.32
C GLU A 324 6.55 3.47 -37.61
N GLU A 325 5.73 2.46 -37.91
CA GLU A 325 4.31 2.72 -38.15
C GLU A 325 3.59 3.08 -36.87
N GLY A 326 3.75 2.24 -35.83
CA GLY A 326 3.14 2.54 -34.55
C GLY A 326 3.49 3.93 -34.06
N LYS A 327 4.76 4.32 -34.21
CA LYS A 327 5.19 5.63 -33.74
C LYS A 327 4.39 6.74 -34.41
N ILE A 328 4.20 6.63 -35.72
CA ILE A 328 3.53 7.69 -36.47
C ILE A 328 2.07 7.84 -36.02
N VAL A 329 1.35 6.72 -35.89
CA VAL A 329 -0.02 6.79 -35.41
C VAL A 329 -0.08 7.46 -34.05
N MET A 330 0.74 6.96 -33.11
CA MET A 330 0.82 7.54 -31.76
C MET A 330 1.06 9.03 -31.81
N ASN A 331 2.01 9.45 -32.62
CA ASN A 331 2.40 10.85 -32.68
C ASN A 331 1.46 11.69 -33.54
N ASN A 332 0.28 11.17 -33.92
CA ASN A 332 -0.66 11.97 -34.69
C ASN A 332 -2.11 11.85 -34.27
N VAL A 333 -2.43 11.06 -33.25
CA VAL A 333 -3.78 11.10 -32.70
C VAL A 333 -3.96 12.42 -31.98
N LYS A 334 -5.15 13.00 -32.10
CA LYS A 334 -5.45 14.28 -31.48
C LYS A 334 -6.50 14.20 -30.39
N LEU A 335 -7.43 13.27 -30.48
CA LEU A 335 -8.38 13.06 -29.39
C LEU A 335 -7.91 11.98 -28.43
N ALA A 336 -7.48 10.82 -28.94
CA ALA A 336 -6.94 9.79 -28.08
C ALA A 336 -5.69 10.30 -27.38
N THR A 337 -5.46 9.81 -26.17
CA THR A 337 -4.36 10.26 -25.33
C THR A 337 -3.30 9.17 -25.25
N LEU A 338 -2.05 9.56 -25.49
CA LEU A 338 -0.87 8.72 -25.29
C LEU A 338 -0.62 8.54 -23.79
N ALA A 339 -0.96 7.37 -23.26
CA ALA A 339 -0.85 7.09 -21.84
C ALA A 339 -1.07 5.61 -21.58
N VAL A 340 -0.33 5.04 -20.63
CA VAL A 340 -0.66 3.71 -20.17
C VAL A 340 -1.83 3.85 -19.20
N SER A 341 -2.37 2.72 -18.72
CA SER A 341 -3.59 2.58 -17.93
C SER A 341 -4.79 2.46 -18.86
N LEU A 342 -5.98 2.24 -18.30
CA LEU A 342 -7.18 2.07 -19.10
C LEU A 342 -8.38 2.28 -18.20
N GLY A 343 -9.57 2.10 -18.78
CA GLY A 343 -10.79 2.22 -18.00
C GLY A 343 -11.13 3.64 -17.62
N ASP A 344 -10.66 4.60 -18.41
CA ASP A 344 -10.87 6.02 -18.18
C ASP A 344 -11.93 6.61 -19.11
N SER A 345 -12.50 7.73 -18.68
CA SER A 345 -13.47 8.42 -19.54
C SER A 345 -12.79 8.95 -20.82
N GLU A 346 -11.48 9.22 -20.75
CA GLU A 346 -10.71 9.63 -21.92
C GLU A 346 -10.15 8.40 -22.63
N THR A 347 -10.27 8.36 -23.95
CA THR A 347 -9.72 7.24 -24.71
C THR A 347 -8.19 7.28 -24.63
N LEU A 348 -7.59 6.15 -24.27
CA LEU A 348 -6.16 6.01 -24.08
C LEU A 348 -5.58 5.05 -25.11
N ILE A 349 -4.38 5.36 -25.55
CA ILE A 349 -3.68 4.58 -26.54
C ILE A 349 -2.20 4.48 -26.29
N GLN A 350 -1.67 3.29 -26.46
CA GLN A 350 -0.27 3.04 -26.34
C GLN A 350 0.21 2.13 -27.47
N HIS A 351 1.44 2.34 -27.91
CA HIS A 351 2.13 1.44 -28.80
C HIS A 351 3.30 0.77 -28.06
N PRO A 352 3.13 -0.44 -27.58
CA PRO A 352 4.15 -1.00 -26.68
C PRO A 352 5.57 -1.07 -27.25
N ALA A 353 5.72 -1.32 -28.56
CA ALA A 353 7.05 -1.61 -29.11
C ALA A 353 7.99 -0.41 -29.00
N SER A 354 7.47 0.80 -29.15
CA SER A 354 8.25 2.02 -29.03
C SER A 354 8.06 2.70 -27.68
N MET A 355 7.19 2.17 -26.81
CA MET A 355 6.85 2.85 -25.58
C MET A 355 7.14 1.91 -24.43
N THR A 356 6.12 1.20 -23.89
CA THR A 356 6.32 0.45 -22.65
C THR A 356 7.41 -0.61 -22.80
N HIS A 357 7.48 -1.26 -23.95
CA HIS A 357 8.47 -2.31 -24.17
C HIS A 357 9.65 -1.84 -25.02
N SER A 358 9.85 -0.53 -25.08
CA SER A 358 11.08 0.02 -25.66
C SER A 358 12.36 -0.53 -25.05
N PRO A 359 12.50 -0.73 -23.73
CA PRO A 359 13.78 -1.23 -23.20
C PRO A 359 14.18 -2.62 -23.70
N TYR A 360 13.22 -3.44 -24.10
CA TYR A 360 13.52 -4.81 -24.47
C TYR A 360 13.90 -4.90 -25.95
N THR A 361 14.47 -6.05 -26.33
CA THR A 361 14.84 -6.25 -27.72
C THR A 361 13.66 -6.75 -28.52
N ALA A 362 13.76 -6.63 -29.84
CA ALA A 362 12.66 -7.06 -30.70
C ALA A 362 12.36 -8.54 -30.51
N GLU A 363 13.35 -9.33 -30.06
CA GLU A 363 13.14 -10.75 -29.83
C GLU A 363 12.45 -11.01 -28.51
N GLU A 364 12.86 -10.33 -27.43
CA GLU A 364 12.18 -10.48 -26.15
C GLU A 364 10.73 -10.02 -26.24
N ARG A 365 10.49 -8.94 -27.01
CA ARG A 365 9.11 -8.49 -27.21
C ARG A 365 8.28 -9.52 -27.96
N LYS A 366 8.91 -10.31 -28.82
CA LYS A 366 8.19 -11.43 -29.45
C LYS A 366 7.96 -12.58 -28.47
N ALA A 367 8.76 -12.65 -27.38
CA ALA A 367 8.47 -13.59 -26.31
C ALA A 367 7.31 -13.12 -25.43
N ALA A 368 6.94 -11.84 -25.51
CA ALA A 368 5.85 -11.30 -24.73
C ALA A 368 4.60 -11.02 -25.57
N GLY A 369 4.44 -11.71 -26.71
CA GLY A 369 3.25 -11.55 -27.52
C GLY A 369 3.12 -10.23 -28.26
N ILE A 370 4.20 -9.44 -28.38
CA ILE A 370 4.11 -8.06 -28.82
C ILE A 370 4.83 -7.93 -30.16
N SER A 371 4.06 -7.87 -31.25
CA SER A 371 4.65 -7.52 -32.52
C SER A 371 5.07 -6.04 -32.54
N ASP A 372 5.88 -5.69 -33.54
CA ASP A 372 6.29 -4.30 -33.69
C ASP A 372 5.15 -3.39 -34.14
N GLY A 373 3.98 -3.96 -34.46
CA GLY A 373 2.85 -3.18 -34.95
C GLY A 373 1.65 -3.22 -34.04
N LEU A 374 1.79 -3.85 -32.87
CA LEU A 374 0.67 -3.97 -31.95
C LEU A 374 0.41 -2.63 -31.27
N VAL A 375 -0.87 -2.26 -31.21
CA VAL A 375 -1.34 -1.07 -30.52
C VAL A 375 -2.41 -1.51 -29.55
N ARG A 376 -2.38 -0.96 -28.34
CA ARG A 376 -3.40 -1.24 -27.33
C ARG A 376 -4.27 0.00 -27.15
N LEU A 377 -5.58 -0.20 -27.06
CA LEU A 377 -6.55 0.88 -27.13
C LEU A 377 -7.59 0.71 -26.03
N SER A 378 -7.70 1.72 -25.17
CA SER A 378 -8.75 1.77 -24.15
C SER A 378 -9.79 2.78 -24.63
N VAL A 379 -10.96 2.29 -25.02
CA VAL A 379 -11.96 3.17 -25.60
C VAL A 379 -12.70 3.90 -24.50
N GLY A 380 -12.82 5.22 -24.63
CA GLY A 380 -13.38 6.08 -23.60
C GLY A 380 -14.87 6.31 -23.74
N LEU A 381 -15.33 7.40 -23.14
CA LEU A 381 -16.75 7.70 -23.11
C LEU A 381 -17.13 8.79 -24.10
N GLU A 382 -16.19 9.21 -24.95
CA GLU A 382 -16.49 10.24 -25.94
C GLU A 382 -17.50 9.72 -26.97
N ASP A 383 -17.97 10.63 -27.81
CA ASP A 383 -18.79 10.23 -28.95
C ASP A 383 -17.96 9.39 -29.91
N ALA A 384 -18.54 8.29 -30.40
CA ALA A 384 -17.79 7.31 -31.19
C ALA A 384 -17.28 7.91 -32.49
N GLU A 385 -18.07 8.81 -33.11
CA GLU A 385 -17.64 9.41 -34.36
C GLU A 385 -16.34 10.18 -34.17
N ASP A 386 -16.23 10.89 -33.06
CA ASP A 386 -15.02 11.65 -32.78
C ASP A 386 -13.83 10.73 -32.54
N ILE A 387 -14.02 9.65 -31.77
CA ILE A 387 -12.95 8.68 -31.56
C ILE A 387 -12.46 8.14 -32.90
N ILE A 388 -13.43 7.75 -33.74
CA ILE A 388 -13.12 7.09 -35.00
C ILE A 388 -12.44 8.06 -35.96
N ASP A 389 -13.02 9.25 -36.13
CA ASP A 389 -12.40 10.28 -36.96
C ASP A 389 -10.96 10.50 -36.56
N ASP A 390 -10.67 10.57 -35.27
CA ASP A 390 -9.29 10.82 -34.88
C ASP A 390 -8.40 9.63 -35.23
N LEU A 391 -8.88 8.40 -34.98
CA LEU A 391 -8.09 7.24 -35.38
C LEU A 391 -7.95 7.16 -36.89
N LYS A 392 -8.98 7.54 -37.63
CA LYS A 392 -8.94 7.44 -39.10
C LYS A 392 -7.82 8.29 -39.69
N GLN A 393 -7.77 9.58 -39.34
CA GLN A 393 -6.75 10.43 -39.94
C GLN A 393 -5.35 10.00 -39.54
N ALA A 394 -5.19 9.48 -38.31
CA ALA A 394 -3.87 9.00 -37.90
C ALA A 394 -3.45 7.79 -38.71
N LEU A 395 -4.36 6.83 -38.89
CA LEU A 395 -4.01 5.61 -39.62
C LEU A 395 -3.82 5.88 -41.10
N ASP A 396 -4.58 6.82 -41.67
CA ASP A 396 -4.42 7.12 -43.10
C ASP A 396 -3.00 7.58 -43.42
N LEU A 397 -2.27 8.08 -42.43
CA LEU A 397 -0.90 8.53 -42.65
C LEU A 397 0.06 7.38 -42.96
N ILE A 398 -0.34 6.12 -42.76
CA ILE A 398 0.54 4.99 -43.02
C ILE A 398 -0.02 4.07 -44.09
N VAL A 399 -1.18 4.38 -44.66
CA VAL A 399 -1.68 3.63 -45.80
C VAL A 399 -0.77 3.88 -46.99
N LYS A 400 -0.35 2.80 -47.65
CA LYS A 400 0.47 2.89 -48.85
C LYS A 400 -0.31 3.61 -49.96
N GLU B 2 18.09 28.92 -3.97
CA GLU B 2 17.77 28.10 -2.81
C GLU B 2 18.66 26.88 -2.71
N ASN B 3 19.94 27.07 -2.35
CA ASN B 3 20.73 25.94 -1.84
C ASN B 3 20.26 25.67 -0.41
N ILE B 4 19.12 24.99 -0.34
CA ILE B 4 18.33 24.84 0.87
C ILE B 4 19.10 24.10 1.96
N LYS B 5 20.06 23.25 1.58
CA LYS B 5 20.63 22.35 2.58
C LYS B 5 21.44 23.09 3.64
N LYS B 6 21.83 24.33 3.38
CA LYS B 6 22.59 25.06 4.39
C LYS B 6 21.71 25.81 5.39
N MET B 7 20.38 25.73 5.26
CA MET B 7 19.49 26.56 6.04
C MET B 7 18.97 25.86 7.30
N GLY B 8 18.14 26.59 8.04
CA GLY B 8 17.57 26.05 9.26
C GLY B 8 16.58 24.93 9.02
N PHE B 9 16.31 24.19 10.10
CA PHE B 9 15.40 23.05 10.02
C PHE B 9 14.01 23.49 9.55
N ALA B 10 13.47 24.56 10.13
CA ALA B 10 12.12 25.02 9.77
C ALA B 10 12.04 25.41 8.31
N THR B 11 13.05 26.15 7.83
CA THR B 11 13.09 26.54 6.42
C THR B 11 13.09 25.32 5.53
N LYS B 12 13.92 24.33 5.87
CA LYS B 12 13.95 23.08 5.11
C LYS B 12 12.61 22.36 5.16
N ALA B 13 12.01 22.25 6.36
CA ALA B 13 10.71 21.62 6.44
C ALA B 13 9.69 22.34 5.56
N ILE B 14 9.76 23.66 5.51
CA ILE B 14 8.76 24.43 4.79
C ILE B 14 9.06 24.45 3.29
N HIS B 15 10.28 24.76 2.91
CA HIS B 15 10.56 24.94 1.49
C HIS B 15 11.22 23.73 0.84
N GLY B 16 11.74 22.78 1.61
CA GLY B 16 12.52 21.70 1.05
C GLY B 16 11.69 20.75 0.20
N GLY B 17 12.27 20.35 -0.94
CA GLY B 17 11.61 19.46 -1.89
C GLY B 17 10.57 20.13 -2.75
N HIS B 18 10.31 21.41 -2.56
CA HIS B 18 9.25 22.07 -3.27
C HIS B 18 9.75 22.46 -4.66
N ILE B 19 9.11 21.93 -5.70
CA ILE B 19 9.51 22.24 -7.07
C ILE B 19 8.87 23.55 -7.53
N GLY B 20 7.61 23.73 -7.26
CA GLY B 20 6.93 24.92 -7.71
C GLY B 20 6.02 24.61 -8.89
N ASP B 21 4.88 25.32 -8.94
CA ASP B 21 3.90 25.21 -10.01
C ASP B 21 4.37 26.12 -11.14
N LYS B 22 5.14 25.55 -12.07
CA LYS B 22 5.75 26.29 -13.16
C LYS B 22 4.75 26.73 -14.22
N GLN B 23 3.51 26.26 -14.17
CA GLN B 23 2.49 26.65 -15.14
C GLN B 23 1.61 27.79 -14.64
N PHE B 24 1.17 27.78 -13.37
CA PHE B 24 0.33 28.85 -12.85
C PHE B 24 0.93 29.61 -11.67
N GLY B 25 2.06 29.17 -11.11
CA GLY B 25 2.68 29.86 -9.99
C GLY B 25 2.00 29.71 -8.64
N SER B 26 1.24 28.63 -8.44
CA SER B 26 0.58 28.39 -7.17
C SER B 26 1.58 28.32 -6.02
N LEU B 27 1.27 29.01 -4.94
CA LEU B 27 2.09 28.91 -3.73
C LEU B 27 2.06 27.48 -3.18
N ALA B 28 0.85 26.97 -2.92
CA ALA B 28 0.71 25.63 -2.36
C ALA B 28 0.98 24.54 -3.40
N THR B 29 1.58 23.44 -2.94
CA THR B 29 1.79 22.26 -3.78
C THR B 29 0.46 21.79 -4.37
N PRO B 30 0.34 21.64 -5.69
CA PRO B 30 -0.89 21.09 -6.25
C PRO B 30 -1.05 19.62 -5.90
N ILE B 31 -2.30 19.19 -5.77
CA ILE B 31 -2.59 17.77 -5.62
C ILE B 31 -2.70 17.19 -7.02
N TYR B 32 -1.69 16.40 -7.43
CA TYR B 32 -1.75 15.69 -8.72
C TYR B 32 -2.48 14.36 -8.52
N GLN B 33 -3.79 14.49 -8.29
CA GLN B 33 -4.65 13.34 -8.01
C GLN B 33 -4.98 12.69 -9.36
N THR B 34 -4.03 11.90 -9.85
CA THR B 34 -4.13 11.31 -11.17
C THR B 34 -3.61 9.87 -11.12
N SER B 35 -4.21 8.99 -11.93
CA SER B 35 -3.66 7.66 -12.04
C SER B 35 -2.48 7.62 -13.01
N THR B 36 -2.56 8.35 -14.12
CA THR B 36 -1.57 8.19 -15.18
C THR B 36 -1.19 9.53 -15.78
N PHE B 37 -0.21 9.47 -16.67
CA PHE B 37 0.46 10.65 -17.20
C PHE B 37 0.54 10.53 -18.73
N ILE B 38 0.58 11.69 -19.40
CA ILE B 38 0.49 11.76 -20.85
C ILE B 38 1.87 11.94 -21.43
N PHE B 39 2.18 11.18 -22.48
CA PHE B 39 3.41 11.34 -23.21
C PHE B 39 3.20 12.31 -24.38
N ASP B 40 4.22 13.14 -24.66
CA ASP B 40 4.17 14.03 -25.81
C ASP B 40 4.42 13.31 -27.12
N SER B 41 5.08 12.15 -27.06
CA SER B 41 5.45 11.38 -28.24
C SER B 41 5.62 9.95 -27.78
N ALA B 42 5.48 9.02 -28.73
CA ALA B 42 5.82 7.64 -28.42
C ALA B 42 7.27 7.52 -28.01
N GLU B 43 8.16 8.33 -28.62
CA GLU B 43 9.57 8.28 -28.28
C GLU B 43 9.81 8.69 -26.82
N GLN B 44 9.16 9.78 -26.39
CA GLN B 44 9.29 10.22 -25.01
C GLN B 44 8.80 9.14 -24.03
N GLY B 45 7.69 8.48 -24.38
CA GLY B 45 7.26 7.35 -23.57
C GLY B 45 8.32 6.27 -23.49
N GLY B 46 8.83 5.84 -24.64
CA GLY B 46 9.84 4.79 -24.67
C GLY B 46 11.06 5.15 -23.83
N ARG B 47 11.46 6.42 -23.86
CA ARG B 47 12.61 6.85 -23.10
C ARG B 47 12.32 6.95 -21.60
N ARG B 48 11.10 7.32 -21.20
CA ARG B 48 10.76 7.26 -19.78
C ARG B 48 10.79 5.82 -19.27
N PHE B 49 10.24 4.89 -20.05
CA PHE B 49 10.32 3.49 -19.67
C PHE B 49 11.75 2.94 -19.71
N ALA B 50 12.64 3.53 -20.49
CA ALA B 50 14.00 3.03 -20.54
C ALA B 50 14.91 3.66 -19.49
N GLY B 51 14.47 4.73 -18.84
CA GLY B 51 15.32 5.47 -17.94
C GLY B 51 16.03 6.64 -18.58
N GLU B 52 15.88 6.82 -19.89
CA GLU B 52 16.65 7.85 -20.58
C GLU B 52 16.15 9.25 -20.21
N GLU B 53 14.84 9.43 -20.08
CA GLU B 53 14.27 10.74 -19.84
C GLU B 53 13.66 10.79 -18.44
N SER B 54 13.67 11.99 -17.85
CA SER B 54 12.94 12.24 -16.62
C SER B 54 11.45 12.38 -16.94
N GLY B 55 10.67 12.64 -15.90
CA GLY B 55 9.23 12.74 -16.05
C GLY B 55 8.51 11.52 -15.50
N TYR B 56 7.18 11.59 -15.58
CA TYR B 56 6.32 10.66 -14.88
C TYR B 56 5.61 9.75 -15.87
N ILE B 57 5.21 8.58 -15.36
CA ILE B 57 4.58 7.53 -16.15
C ILE B 57 3.21 7.15 -15.59
N TYR B 58 3.16 6.85 -14.31
CA TYR B 58 2.03 6.15 -13.71
C TYR B 58 2.19 6.22 -12.20
N SER B 59 1.12 6.55 -11.48
CA SER B 59 1.28 6.98 -10.09
C SER B 59 1.77 5.85 -9.17
N ARG B 60 1.60 4.57 -9.52
CA ARG B 60 2.28 3.54 -8.72
C ARG B 60 3.79 3.68 -8.81
N LEU B 61 4.31 4.05 -9.98
CA LEU B 61 5.75 4.25 -10.17
C LEU B 61 6.25 5.56 -9.58
N GLY B 62 5.38 6.55 -9.37
CA GLY B 62 5.83 7.85 -8.96
C GLY B 62 4.80 8.93 -9.25
N ASN B 63 4.78 9.95 -8.40
CA ASN B 63 3.82 11.01 -8.51
C ASN B 63 4.43 12.31 -8.00
N PRO B 64 4.20 13.44 -8.70
CA PRO B 64 4.89 14.69 -8.34
C PRO B 64 4.63 15.17 -6.92
N THR B 65 3.39 15.09 -6.45
CA THR B 65 3.12 15.47 -5.06
C THR B 65 3.89 14.58 -4.10
N SER B 66 3.93 13.27 -4.34
CA SER B 66 4.67 12.38 -3.46
C SER B 66 6.17 12.61 -3.56
N THR B 67 6.67 12.92 -4.77
CA THR B 67 8.07 13.22 -4.93
C THR B 67 8.53 14.33 -4.00
N GLU B 68 7.70 15.34 -3.82
CA GLU B 68 8.09 16.50 -3.03
C GLU B 68 8.21 16.15 -1.54
N VAL B 69 7.24 15.42 -1.00
CA VAL B 69 7.34 15.08 0.41
C VAL B 69 8.49 14.08 0.62
N GLU B 70 8.74 13.20 -0.34
CA GLU B 70 9.92 12.35 -0.29
C GLU B 70 11.20 13.19 -0.20
N ASN B 71 11.34 14.16 -1.11
CA ASN B 71 12.57 14.95 -1.13
C ASN B 71 12.70 15.79 0.12
N LYS B 72 11.57 16.27 0.64
CA LYS B 72 11.57 17.05 1.86
C LYS B 72 12.05 16.24 3.06
N LEU B 73 11.56 15.01 3.21
CA LEU B 73 11.99 14.20 4.36
C LEU B 73 13.43 13.71 4.19
N ALA B 74 13.83 13.32 2.97
CA ALA B 74 15.24 12.95 2.78
C ALA B 74 16.16 14.09 3.20
N LEU B 75 15.79 15.31 2.82
CA LEU B 75 16.55 16.49 3.22
C LEU B 75 16.60 16.65 4.74
N LEU B 76 15.50 16.38 5.43
CA LEU B 76 15.50 16.57 6.88
C LEU B 76 16.31 15.48 7.58
N GLU B 77 16.31 14.26 7.05
CA GLU B 77 17.08 13.18 7.64
C GLU B 77 18.56 13.21 7.26
N GLY B 78 18.93 13.99 6.24
CA GLY B 78 20.27 13.92 5.72
C GLY B 78 20.54 12.67 4.90
N GLY B 79 19.53 12.14 4.22
CA GLY B 79 19.72 10.98 3.38
C GLY B 79 19.64 11.31 1.90
N GLU B 80 20.19 10.46 1.03
CA GLU B 80 20.15 10.79 -0.39
C GLU B 80 18.74 10.75 -0.93
N ALA B 81 17.93 9.78 -0.49
CA ALA B 81 16.66 9.55 -1.14
C ALA B 81 15.66 9.04 -0.12
N ALA B 82 14.37 9.24 -0.44
CA ALA B 82 13.28 8.70 0.37
C ALA B 82 12.19 8.18 -0.55
N VAL B 83 11.43 7.21 -0.02
CA VAL B 83 10.23 6.70 -0.66
C VAL B 83 9.10 6.84 0.33
N VAL B 84 7.95 7.34 -0.11
CA VAL B 84 6.77 7.41 0.73
C VAL B 84 5.85 6.26 0.36
N ALA B 85 5.12 5.74 1.35
CA ALA B 85 4.32 4.53 1.20
C ALA B 85 2.96 4.75 1.87
N ALA B 86 2.00 3.88 1.56
CA ALA B 86 0.64 4.06 2.07
C ALA B 86 0.48 3.69 3.55
N SER B 87 1.55 3.30 4.24
CA SER B 87 1.51 3.11 5.68
C SER B 87 2.94 2.95 6.12
N GLY B 88 3.17 3.11 7.43
CA GLY B 88 4.48 2.78 7.99
C GLY B 88 4.88 1.34 7.75
N MET B 89 3.95 0.40 7.98
CA MET B 89 4.21 -1.01 7.71
C MET B 89 4.51 -1.23 6.23
N GLY B 90 3.90 -0.42 5.35
CA GLY B 90 4.21 -0.52 3.94
C GLY B 90 5.64 -0.14 3.63
N ALA B 91 6.14 0.92 4.26
CA ALA B 91 7.52 1.34 4.04
C ALA B 91 8.49 0.32 4.65
N ILE B 92 8.14 -0.24 5.80
CA ILE B 92 8.97 -1.24 6.45
C ILE B 92 9.00 -2.53 5.64
N ALA B 93 7.82 -3.06 5.28
CA ALA B 93 7.77 -4.28 4.47
C ALA B 93 8.49 -4.09 3.13
N ALA B 94 8.16 -3.03 2.40
CA ALA B 94 8.79 -2.82 1.09
C ALA B 94 10.31 -2.72 1.20
N SER B 95 10.81 -2.11 2.28
CA SER B 95 12.27 -2.04 2.49
C SER B 95 12.85 -3.41 2.80
N LEU B 96 12.20 -4.14 3.67
CA LEU B 96 12.61 -5.45 4.01
C LEU B 96 12.55 -6.42 2.82
N TRP B 97 11.51 -6.33 2.00
CA TRP B 97 11.41 -7.16 0.81
C TRP B 97 12.52 -6.86 -0.17
N SER B 98 12.87 -5.58 -0.33
CA SER B 98 13.90 -5.21 -1.29
C SER B 98 15.28 -5.61 -0.81
N ALA B 99 15.50 -5.68 0.50
CA ALA B 99 16.84 -5.96 1.02
C ALA B 99 17.12 -7.44 1.23
N LEU B 100 16.09 -8.28 1.31
CA LEU B 100 16.25 -9.65 1.78
C LEU B 100 15.84 -10.63 0.70
N LYS B 101 16.15 -11.89 0.94
CA LYS B 101 15.69 -12.98 0.09
C LYS B 101 15.61 -14.23 0.95
N SER B 102 15.00 -15.27 0.39
CA SER B 102 14.94 -16.54 1.10
C SER B 102 16.36 -17.03 1.44
N GLY B 103 16.60 -17.36 2.70
CA GLY B 103 17.90 -17.80 3.16
C GLY B 103 18.72 -16.72 3.85
N ASP B 104 18.37 -15.44 3.70
CA ASP B 104 19.00 -14.39 4.47
C ASP B 104 18.55 -14.48 5.93
N HIS B 105 19.23 -13.73 6.79
CA HIS B 105 18.98 -13.74 8.23
C HIS B 105 18.88 -12.29 8.71
N VAL B 106 17.97 -12.09 9.66
CA VAL B 106 17.74 -10.80 10.32
C VAL B 106 18.01 -10.95 11.81
N VAL B 107 18.73 -9.98 12.38
CA VAL B 107 18.78 -9.76 13.81
C VAL B 107 17.85 -8.58 14.13
N ALA B 108 16.86 -8.80 14.98
CA ALA B 108 15.97 -7.70 15.36
C ALA B 108 15.99 -7.48 16.87
N SER B 109 15.59 -6.28 17.27
CA SER B 109 15.35 -6.01 18.68
C SER B 109 14.15 -6.80 19.17
N ASP B 110 14.23 -7.26 20.41
CA ASP B 110 13.11 -7.96 21.00
C ASP B 110 12.00 -7.02 21.47
N THR B 111 12.24 -5.71 21.45
CA THR B 111 11.23 -4.71 21.82
C THR B 111 10.88 -3.90 20.59
N LEU B 112 9.69 -4.14 20.03
CA LEU B 112 9.31 -3.52 18.77
C LEU B 112 7.82 -3.18 18.79
N TYR B 113 7.43 -2.26 17.91
CA TYR B 113 6.03 -2.05 17.60
C TYR B 113 5.39 -3.40 17.26
N GLY B 114 4.18 -3.63 17.76
CA GLY B 114 3.64 -4.98 17.77
C GLY B 114 3.54 -5.60 16.39
N CYS B 115 3.15 -4.81 15.40
CA CYS B 115 2.99 -5.32 14.05
C CYS B 115 4.33 -5.50 13.33
N THR B 116 5.36 -4.76 13.73
CA THR B 116 6.70 -5.03 13.23
C THR B 116 7.22 -6.36 13.76
N PHE B 117 7.01 -6.61 15.05
CA PHE B 117 7.34 -7.91 15.60
C PHE B 117 6.62 -9.02 14.85
N ALA B 118 5.32 -8.82 14.58
CA ALA B 118 4.56 -9.85 13.89
C ALA B 118 5.05 -10.06 12.46
N LEU B 119 5.32 -8.97 11.75
CA LEU B 119 5.90 -9.09 10.42
C LEU B 119 7.19 -9.92 10.47
N LEU B 120 8.08 -9.58 11.40
CA LEU B 120 9.35 -10.29 11.52
C LEU B 120 9.16 -11.71 12.04
N ASN B 121 8.38 -11.86 13.10
CA ASN B 121 8.28 -13.17 13.77
C ASN B 121 7.51 -14.16 12.92
N HIS B 122 6.40 -13.72 12.32
CA HIS B 122 5.50 -14.62 11.64
C HIS B 122 5.43 -14.42 10.13
N GLY B 123 5.92 -13.31 9.61
CA GLY B 123 5.72 -13.03 8.20
C GLY B 123 6.93 -13.40 7.36
N LEU B 124 8.06 -12.77 7.65
CA LEU B 124 9.29 -13.09 6.94
C LEU B 124 9.71 -14.54 7.11
N THR B 125 9.38 -15.15 8.26
CA THR B 125 9.77 -16.52 8.49
C THR B 125 8.94 -17.52 7.67
N ARG B 126 7.73 -17.15 7.23
CA ARG B 126 6.99 -17.98 6.27
C ARG B 126 7.69 -18.10 4.94
N TYR B 127 8.67 -17.23 4.66
CA TYR B 127 9.19 -17.04 3.32
C TYR B 127 10.69 -17.24 3.29
N GLY B 128 11.18 -18.03 4.23
CA GLY B 128 12.54 -18.48 4.21
C GLY B 128 13.53 -17.56 4.87
N VAL B 129 13.07 -16.47 5.50
CA VAL B 129 13.99 -15.55 6.15
C VAL B 129 14.13 -15.97 7.61
N GLU B 130 15.38 -16.14 8.05
CA GLU B 130 15.68 -16.43 9.44
C GLU B 130 15.67 -15.12 10.24
N VAL B 131 15.10 -15.16 11.45
CA VAL B 131 14.99 -13.99 12.31
C VAL B 131 15.41 -14.38 13.72
N THR B 132 16.29 -13.58 14.34
CA THR B 132 16.68 -13.78 15.73
C THR B 132 16.39 -12.49 16.51
N PHE B 133 15.58 -12.59 17.57
CA PHE B 133 15.27 -11.44 18.41
C PHE B 133 16.21 -11.36 19.60
N VAL B 134 16.81 -10.19 19.82
CA VAL B 134 17.85 -10.04 20.84
C VAL B 134 17.60 -8.77 21.65
N ASP B 135 18.30 -8.70 22.77
CA ASP B 135 18.35 -7.50 23.59
C ASP B 135 19.40 -6.57 23.00
N VAL B 136 18.96 -5.44 22.42
CA VAL B 136 19.91 -4.52 21.79
C VAL B 136 20.72 -3.75 22.82
N SER B 137 20.48 -3.99 24.11
CA SER B 137 21.23 -3.33 25.17
C SER B 137 22.44 -4.12 25.61
N ASN B 138 22.52 -5.38 25.25
CA ASN B 138 23.69 -6.20 25.52
C ASN B 138 24.31 -6.51 24.16
N LEU B 139 25.32 -5.72 23.78
CA LEU B 139 25.93 -5.89 22.46
C LEU B 139 26.56 -7.25 22.28
N ASP B 140 26.94 -7.90 23.37
CA ASP B 140 27.49 -9.25 23.25
C ASP B 140 26.42 -10.21 22.76
N GLU B 141 25.19 -10.03 23.26
CA GLU B 141 24.05 -10.77 22.73
C GLU B 141 23.80 -10.42 21.27
N VAL B 142 23.91 -9.14 20.93
CA VAL B 142 23.75 -8.70 19.55
C VAL B 142 24.84 -9.29 18.66
N LYS B 143 26.09 -9.16 19.10
CA LYS B 143 27.20 -9.65 18.30
C LYS B 143 27.17 -11.17 18.13
N ASN B 144 26.67 -11.90 19.12
CA ASN B 144 26.61 -13.36 18.98
C ASN B 144 25.45 -13.82 18.12
N ALA B 145 24.41 -12.99 17.93
CA ALA B 145 23.35 -13.39 17.03
C ALA B 145 23.75 -13.27 15.57
N LEU B 146 24.80 -12.52 15.27
CA LEU B 146 25.19 -12.27 13.89
C LEU B 146 25.72 -13.55 13.24
N LYS B 147 25.10 -13.94 12.14
CA LYS B 147 25.51 -15.09 11.35
C LYS B 147 26.12 -14.60 10.05
N PRO B 148 26.88 -15.45 9.36
CA PRO B 148 27.48 -15.01 8.08
C PRO B 148 26.46 -14.48 7.09
N ASN B 149 25.22 -14.95 7.15
CA ASN B 149 24.17 -14.55 6.23
C ASN B 149 23.23 -13.52 6.85
N THR B 150 23.67 -12.79 7.88
CA THR B 150 22.84 -11.72 8.42
C THR B 150 22.85 -10.54 7.45
N LYS B 151 21.67 -10.14 7.00
CA LYS B 151 21.55 -9.07 6.02
C LYS B 151 20.93 -7.79 6.56
N VAL B 152 20.06 -7.87 7.57
CA VAL B 152 19.47 -6.69 8.19
C VAL B 152 19.66 -6.81 9.70
N VAL B 153 20.03 -5.71 10.33
CA VAL B 153 19.85 -5.53 11.76
C VAL B 153 18.78 -4.44 11.94
N TYR B 154 17.68 -4.79 12.60
CA TYR B 154 16.51 -3.93 12.68
C TYR B 154 16.36 -3.40 14.10
N LEU B 155 16.37 -2.08 14.24
CA LEU B 155 16.22 -1.46 15.54
C LEU B 155 15.31 -0.24 15.56
N GLU B 156 14.78 0.01 16.74
CA GLU B 156 13.75 1.01 16.99
C GLU B 156 14.14 1.72 18.27
N THR B 157 14.42 3.01 18.21
CA THR B 157 14.84 3.69 19.41
C THR B 157 14.30 5.12 19.43
N PRO B 158 13.62 5.51 20.53
CA PRO B 158 13.23 4.69 21.68
C PRO B 158 12.21 3.63 21.27
N ALA B 159 12.22 2.48 21.95
CA ALA B 159 11.36 1.39 21.53
C ALA B 159 9.94 1.56 22.05
N ASN B 160 8.97 1.39 21.15
CA ASN B 160 7.57 1.17 21.53
C ASN B 160 7.49 -0.18 22.23
N PRO B 161 7.03 -0.27 23.50
CA PRO B 161 6.31 0.63 24.41
C PRO B 161 7.09 1.13 25.62
N THR B 162 8.30 0.58 25.82
CA THR B 162 9.10 0.81 27.01
C THR B 162 9.94 2.06 26.94
N LEU B 163 10.18 2.58 25.73
CA LEU B 163 11.06 3.71 25.46
C LEU B 163 12.52 3.37 25.71
N LYS B 164 12.84 2.08 25.68
CA LYS B 164 14.23 1.65 25.77
C LYS B 164 15.02 2.26 24.61
N VAL B 165 16.18 2.82 24.94
CA VAL B 165 17.06 3.46 23.96
C VAL B 165 18.19 2.52 23.58
N THR B 166 18.64 2.61 22.33
CA THR B 166 19.65 1.75 21.73
C THR B 166 20.76 2.61 21.16
N ASP B 167 22.00 2.25 21.49
CA ASP B 167 23.17 2.94 20.97
C ASP B 167 23.24 2.70 19.46
N ILE B 168 22.87 3.70 18.67
CA ILE B 168 22.84 3.51 17.22
C ILE B 168 24.25 3.45 16.66
N ARG B 169 25.08 4.44 17.02
CA ARG B 169 26.45 4.50 16.50
C ARG B 169 27.22 3.23 16.82
N LYS B 170 27.01 2.67 17.99
CA LYS B 170 27.84 1.60 18.47
C LYS B 170 27.40 0.24 17.94
N ILE B 171 26.10 0.02 17.75
CA ILE B 171 25.68 -1.19 17.05
C ILE B 171 26.07 -1.11 15.58
N SER B 172 25.89 0.06 14.96
CA SER B 172 26.24 0.24 13.55
C SER B 172 27.71 -0.04 13.30
N ASN B 173 28.59 0.52 14.13
CA ASN B 173 30.02 0.27 14.01
C ASN B 173 30.35 -1.21 14.08
N MET B 174 29.82 -1.89 15.10
CA MET B 174 30.14 -3.30 15.29
C MET B 174 29.59 -4.14 14.15
N VAL B 175 28.34 -3.89 13.76
CA VAL B 175 27.74 -4.64 12.66
C VAL B 175 28.52 -4.40 11.37
N HIS B 176 28.85 -3.13 11.10
CA HIS B 176 29.55 -2.81 9.87
C HIS B 176 30.96 -3.38 9.85
N GLU B 177 31.61 -3.49 11.02
CA GLU B 177 32.93 -4.09 11.08
C GLU B 177 32.89 -5.58 10.73
N SER B 178 31.90 -6.32 11.27
CA SER B 178 31.89 -7.77 11.16
C SER B 178 31.04 -8.31 10.00
N ASN B 179 30.02 -7.59 9.55
CA ASN B 179 29.14 -8.06 8.47
C ASN B 179 29.01 -6.96 7.43
N LYS B 180 29.99 -6.89 6.54
CA LYS B 180 30.06 -5.84 5.53
C LYS B 180 28.85 -5.78 4.61
N GLU B 181 28.07 -6.86 4.50
CA GLU B 181 26.91 -6.87 3.63
C GLU B 181 25.60 -6.50 4.33
N CYS B 182 25.65 -6.11 5.59
CA CYS B 182 24.46 -5.99 6.42
C CYS B 182 23.96 -4.54 6.48
N PHE B 183 22.66 -4.35 6.27
CA PHE B 183 22.02 -3.05 6.49
C PHE B 183 21.69 -2.89 7.96
N VAL B 184 21.84 -1.66 8.47
CA VAL B 184 21.28 -1.28 9.77
C VAL B 184 20.05 -0.41 9.51
N PHE B 185 18.85 -0.96 9.79
CA PHE B 185 17.58 -0.25 9.76
C PHE B 185 17.28 0.38 11.12
N VAL B 186 16.82 1.63 11.13
CA VAL B 186 16.35 2.24 12.38
C VAL B 186 14.96 2.83 12.15
N ASP B 187 13.99 2.38 12.95
CA ASP B 187 12.68 3.02 13.00
C ASP B 187 12.79 4.31 13.82
N ASN B 188 12.68 5.45 13.15
CA ASN B 188 12.82 6.78 13.75
C ASN B 188 11.47 7.47 13.97
N THR B 189 10.38 6.69 14.01
CA THR B 189 9.04 7.24 14.15
C THR B 189 8.90 8.13 15.38
N PHE B 190 9.32 7.62 16.54
CA PHE B 190 9.10 8.32 17.79
C PHE B 190 9.83 9.66 17.86
N CYS B 191 10.93 9.81 17.13
CA CYS B 191 11.76 10.99 17.24
C CYS B 191 11.46 12.07 16.20
N THR B 192 11.38 11.68 14.91
CA THR B 192 11.43 12.51 13.72
C THR B 192 12.85 13.05 13.56
N PRO B 193 13.25 13.41 12.33
CA PRO B 193 14.59 14.00 12.12
C PRO B 193 14.85 15.28 12.89
N TYR B 194 13.80 15.93 13.44
CA TYR B 194 14.06 17.09 14.30
C TYR B 194 14.81 16.67 15.56
N ILE B 195 14.55 15.48 16.08
CA ILE B 195 15.10 15.05 17.35
C ILE B 195 16.29 14.11 17.18
N GLN B 196 16.22 13.19 16.20
CA GLN B 196 17.24 12.18 16.00
C GLN B 196 17.43 11.93 14.51
N ARG B 197 18.69 11.88 14.05
CA ARG B 197 19.01 11.58 12.65
C ARG B 197 19.87 10.32 12.60
N PRO B 198 19.25 9.14 12.61
CA PRO B 198 20.02 7.87 12.67
C PRO B 198 21.04 7.69 11.54
N LEU B 199 20.82 8.30 10.38
CA LEU B 199 21.78 8.14 9.28
C LEU B 199 23.12 8.78 9.63
N GLU B 200 23.09 9.85 10.43
CA GLU B 200 24.33 10.46 10.88
C GLU B 200 25.02 9.65 11.97
N LEU B 201 24.38 8.64 12.52
CA LEU B 201 24.99 7.81 13.54
C LEU B 201 25.42 6.45 13.02
N GLY B 202 25.37 6.23 11.71
CA GLY B 202 25.81 4.95 11.15
C GLY B 202 24.71 4.10 10.53
N ALA B 203 23.44 4.41 10.78
CA ALA B 203 22.37 3.64 10.16
C ALA B 203 22.44 3.75 8.64
N ASP B 204 22.04 2.67 7.97
CA ASP B 204 21.94 2.69 6.51
C ASP B 204 20.56 3.01 6.00
N VAL B 205 19.51 2.67 6.76
CA VAL B 205 18.13 2.87 6.34
C VAL B 205 17.33 3.40 7.51
N VAL B 206 16.53 4.44 7.27
CA VAL B 206 15.60 4.97 8.27
C VAL B 206 14.19 4.71 7.78
N VAL B 207 13.34 4.22 8.66
CA VAL B 207 11.92 4.09 8.36
C VAL B 207 11.12 4.93 9.35
N HIS B 208 9.96 5.40 8.89
CA HIS B 208 8.99 6.15 9.69
C HIS B 208 7.58 5.64 9.43
N SER B 209 6.79 5.58 10.50
CA SER B 209 5.34 5.73 10.33
C SER B 209 5.03 7.22 10.24
N ALA B 210 4.73 7.71 9.03
CA ALA B 210 4.31 9.10 8.89
C ALA B 210 2.95 9.34 9.53
N THR B 211 2.20 8.28 9.80
CA THR B 211 0.91 8.35 10.45
C THR B 211 1.00 9.11 11.78
N LYS B 212 2.20 9.11 12.37
CA LYS B 212 2.37 9.70 13.70
C LYS B 212 2.82 11.15 13.61
N TYR B 213 4.01 11.50 14.09
CA TYR B 213 4.41 12.93 14.17
C TYR B 213 4.61 13.69 12.84
N LEU B 214 5.09 13.01 11.80
CA LEU B 214 5.46 13.71 10.59
C LEU B 214 4.23 14.34 9.94
N ASN B 215 3.16 13.56 9.86
CA ASN B 215 1.89 14.15 9.45
C ASN B 215 1.29 14.97 10.59
N GLY B 216 1.23 14.39 11.80
CA GLY B 216 0.93 15.11 13.02
C GLY B 216 -0.53 15.41 13.30
N HIS B 217 -1.45 15.08 12.38
CA HIS B 217 -2.83 15.52 12.52
C HIS B 217 -3.85 14.38 12.48
N GLY B 218 -3.41 13.13 12.57
CA GLY B 218 -4.33 12.03 12.80
C GLY B 218 -5.34 11.81 11.70
N ASP B 219 -4.97 12.14 10.45
CA ASP B 219 -5.88 12.02 9.32
C ASP B 219 -5.21 11.36 8.12
N VAL B 220 -4.08 10.70 8.36
CA VAL B 220 -3.26 10.10 7.30
C VAL B 220 -2.67 8.80 7.81
N ILE B 221 -2.72 7.76 6.99
CA ILE B 221 -1.93 6.55 7.19
C ILE B 221 -0.86 6.57 6.10
N ALA B 222 0.42 6.61 6.50
CA ALA B 222 1.52 6.70 5.54
C ALA B 222 2.85 6.37 6.22
N GLY B 223 3.83 5.98 5.40
CA GLY B 223 5.17 5.72 5.90
C GLY B 223 6.23 6.23 4.92
N PHE B 224 7.48 6.15 5.36
CA PHE B 224 8.64 6.47 4.54
C PHE B 224 9.76 5.46 4.80
N ALA B 225 10.59 5.26 3.79
CA ALA B 225 11.94 4.74 3.98
C ALA B 225 12.93 5.78 3.44
N VAL B 226 14.07 5.91 4.11
CA VAL B 226 15.06 6.94 3.81
C VAL B 226 16.43 6.28 3.77
N GLY B 227 17.20 6.58 2.71
CA GLY B 227 18.54 6.03 2.62
C GLY B 227 19.27 6.39 1.34
N LYS B 228 20.18 5.51 0.93
CA LYS B 228 20.96 5.74 -0.28
C LYS B 228 20.08 5.65 -1.50
N GLU B 229 20.41 6.46 -2.51
CA GLU B 229 19.62 6.41 -3.74
C GLU B 229 19.61 5.00 -4.31
N GLU B 230 20.75 4.33 -4.29
CA GLU B 230 20.84 3.01 -4.88
C GLU B 230 19.78 2.08 -4.30
N PHE B 231 19.64 2.10 -2.98
CA PHE B 231 18.72 1.17 -2.33
C PHE B 231 17.27 1.67 -2.37
N ILE B 232 17.05 2.97 -2.17
CA ILE B 232 15.70 3.51 -2.23
C ILE B 232 15.09 3.29 -3.61
N ASN B 233 15.92 3.43 -4.67
CA ASN B 233 15.46 3.15 -6.02
C ASN B 233 14.93 1.73 -6.14
N GLN B 234 15.59 0.78 -5.47
CA GLN B 234 15.08 -0.60 -5.50
C GLN B 234 13.81 -0.74 -4.68
N VAL B 235 13.72 -0.04 -3.55
CA VAL B 235 12.48 -0.07 -2.79
C VAL B 235 11.31 0.44 -3.65
N LYS B 236 11.54 1.51 -4.43
CA LYS B 236 10.49 2.05 -5.30
C LYS B 236 10.16 1.10 -6.44
N LEU B 237 11.19 0.60 -7.14
CA LEU B 237 10.95 -0.22 -8.33
C LEU B 237 10.61 -1.67 -8.01
N PHE B 238 10.71 -2.10 -6.74
CA PHE B 238 10.45 -3.50 -6.44
C PHE B 238 9.57 -3.66 -5.21
N GLY B 239 10.02 -3.15 -4.07
CA GLY B 239 9.22 -3.26 -2.86
C GLY B 239 7.85 -2.67 -3.02
N ILE B 240 7.77 -1.45 -3.56
CA ILE B 240 6.49 -0.78 -3.76
C ILE B 240 5.85 -1.24 -5.06
N LYS B 241 6.61 -1.23 -6.16
CA LYS B 241 6.01 -1.48 -7.47
C LYS B 241 5.37 -2.86 -7.54
N ASP B 242 6.05 -3.87 -6.97
CA ASP B 242 5.72 -5.29 -7.09
C ASP B 242 5.31 -5.93 -5.77
N MET B 243 6.10 -5.76 -4.70
CA MET B 243 5.95 -6.62 -3.53
C MET B 243 4.84 -6.18 -2.59
N THR B 244 4.58 -4.88 -2.49
CA THR B 244 3.57 -4.39 -1.58
C THR B 244 2.48 -3.57 -2.23
N GLY B 245 2.76 -2.92 -3.37
CA GLY B 245 1.78 -2.01 -3.96
C GLY B 245 1.26 -0.99 -2.97
N SER B 246 2.13 -0.49 -2.09
CA SER B 246 1.76 0.42 -1.01
C SER B 246 1.93 1.87 -1.49
N VAL B 247 1.00 2.29 -2.36
CA VAL B 247 1.11 3.60 -3.02
C VAL B 247 0.35 4.66 -2.21
N THR B 248 1.10 5.63 -1.71
CA THR B 248 0.49 6.77 -1.05
C THR B 248 -0.44 7.50 -2.01
N GLY B 249 -1.65 7.80 -1.56
CA GLY B 249 -2.52 8.67 -2.32
C GLY B 249 -1.97 10.08 -2.37
N PRO B 250 -1.99 10.70 -3.56
CA PRO B 250 -1.42 12.05 -3.69
C PRO B 250 -2.05 13.06 -2.74
N PHE B 251 -3.34 12.92 -2.47
CA PHE B 251 -4.01 13.74 -1.46
C PHE B 251 -3.40 13.54 -0.07
N GLU B 252 -3.12 12.27 0.32
CA GLU B 252 -2.43 12.01 1.58
C GLU B 252 -1.03 12.62 1.62
N SER B 253 -0.32 12.57 0.48
CA SER B 253 1.00 13.21 0.40
C SER B 253 0.92 14.70 0.63
N PHE B 254 -0.10 15.33 0.04
CA PHE B 254 -0.37 16.74 0.25
C PHE B 254 -0.59 17.02 1.73
N LEU B 255 -1.28 16.11 2.42
CA LEU B 255 -1.55 16.36 3.84
C LEU B 255 -0.28 16.20 4.68
N ILE B 256 0.63 15.31 4.29
CA ILE B 256 1.89 15.17 5.01
C ILE B 256 2.74 16.43 4.83
N ILE B 257 2.87 16.90 3.58
CA ILE B 257 3.56 18.17 3.32
C ILE B 257 3.00 19.28 4.23
N ARG B 258 1.67 19.40 4.25
CA ARG B 258 1.03 20.42 5.07
C ARG B 258 1.38 20.24 6.55
N GLY B 259 1.32 19.00 7.06
CA GLY B 259 1.68 18.79 8.44
C GLY B 259 3.14 19.08 8.75
N MET B 260 4.03 18.84 7.79
CA MET B 260 5.44 19.10 8.02
C MET B 260 5.77 20.60 8.08
N LYS B 261 4.89 21.47 7.55
CA LYS B 261 5.08 22.91 7.72
C LYS B 261 5.26 23.30 9.19
N THR B 262 4.67 22.56 10.13
CA THR B 262 4.76 22.90 11.55
C THR B 262 5.52 21.85 12.36
N LEU B 263 6.30 20.98 11.71
CA LEU B 263 6.97 19.88 12.42
C LEU B 263 7.85 20.38 13.56
N GLN B 264 8.68 21.40 13.28
CA GLN B 264 9.53 22.00 14.31
C GLN B 264 8.71 22.47 15.51
N LEU B 265 7.64 23.24 15.25
CA LEU B 265 6.84 23.86 16.30
C LEU B 265 6.11 22.81 17.13
N ARG B 266 5.58 21.78 16.48
CA ARG B 266 4.86 20.72 17.19
C ARG B 266 5.80 19.87 18.05
N MET B 267 6.97 19.48 17.52
CA MET B 267 7.88 18.67 18.32
C MET B 267 8.36 19.41 19.55
N GLU B 268 8.63 20.71 19.41
CA GLU B 268 9.00 21.53 20.57
C GLU B 268 7.88 21.54 21.58
N LYS B 269 6.64 21.75 21.13
CA LYS B 269 5.51 21.80 22.04
C LYS B 269 5.20 20.41 22.63
N HIS B 270 5.21 19.36 21.79
CA HIS B 270 5.04 18.00 22.31
C HIS B 270 5.97 17.75 23.48
N CYS B 271 7.26 18.08 23.30
CA CYS B 271 8.28 17.70 24.27
C CYS B 271 8.21 18.55 25.54
N LYS B 272 8.04 19.88 25.41
CA LYS B 272 7.88 20.69 26.61
C LYS B 272 6.67 20.21 27.41
N ASN B 273 5.58 19.87 26.73
CA ASN B 273 4.42 19.32 27.45
C ASN B 273 4.76 18.01 28.14
N ALA B 274 5.40 17.08 27.42
CA ALA B 274 5.71 15.76 27.98
C ALA B 274 6.63 15.87 29.21
N MET B 275 7.62 16.76 29.17
CA MET B 275 8.52 16.90 30.31
C MET B 275 7.79 17.36 31.56
N GLU B 276 6.85 18.29 31.41
CA GLU B 276 6.02 18.68 32.54
C GLU B 276 5.14 17.53 33.00
N VAL B 277 4.58 16.77 32.07
CA VAL B 277 3.71 15.66 32.45
C VAL B 277 4.52 14.57 33.14
N ALA B 278 5.70 14.25 32.59
CA ALA B 278 6.54 13.20 33.17
C ALA B 278 6.94 13.53 34.61
N LYS B 279 7.33 14.78 34.86
CA LYS B 279 7.65 15.16 36.23
C LYS B 279 6.44 15.04 37.13
N PHE B 280 5.25 15.44 36.64
CA PHE B 280 4.05 15.26 37.45
C PHE B 280 3.81 13.79 37.78
N LEU B 281 3.84 12.93 36.76
CA LEU B 281 3.64 11.51 36.99
C LEU B 281 4.63 10.95 38.00
N GLU B 282 5.88 11.41 37.93
CA GLU B 282 6.91 10.86 38.83
C GLU B 282 6.62 11.22 40.27
N SER B 283 5.90 12.31 40.50
CA SER B 283 5.60 12.72 41.86
C SER B 283 4.22 12.25 42.34
N HIS B 284 3.44 11.48 41.47
CA HIS B 284 2.07 11.21 41.93
C HIS B 284 2.02 9.90 42.70
N PRO B 285 1.21 9.84 43.76
CA PRO B 285 1.26 8.68 44.66
C PRO B 285 0.68 7.39 44.07
N ALA B 286 -0.03 7.45 42.95
CA ALA B 286 -0.51 6.22 42.32
C ALA B 286 0.51 5.60 41.37
N VAL B 287 1.60 6.30 41.07
CA VAL B 287 2.54 5.92 40.02
C VAL B 287 3.75 5.25 40.66
N GLU B 288 4.14 4.10 40.12
CA GLU B 288 5.28 3.34 40.62
C GLU B 288 6.57 3.59 39.85
N LYS B 289 6.48 3.78 38.53
CA LYS B 289 7.65 3.97 37.68
C LYS B 289 7.25 4.76 36.43
N VAL B 290 7.97 5.83 36.14
CA VAL B 290 7.76 6.59 34.91
C VAL B 290 8.87 6.27 33.92
N TYR B 291 8.49 5.85 32.70
CA TYR B 291 9.44 5.61 31.60
C TYR B 291 9.48 6.84 30.70
N TYR B 292 10.52 7.68 30.88
CA TYR B 292 10.65 8.85 30.02
C TYR B 292 12.09 9.29 29.84
N PRO B 293 12.59 9.35 28.60
CA PRO B 293 13.98 9.76 28.33
C PRO B 293 14.45 11.03 29.03
N GLY B 294 13.55 11.95 29.36
CA GLY B 294 13.94 13.20 29.99
C GLY B 294 14.05 13.17 31.50
N LEU B 295 13.70 12.05 32.13
CA LEU B 295 13.82 11.91 33.58
C LEU B 295 15.16 11.31 33.94
N GLU B 296 15.88 11.97 34.84
CA GLU B 296 17.17 11.45 35.25
C GLU B 296 17.05 10.08 35.90
N SER B 297 15.88 9.74 36.43
CA SER B 297 15.66 8.39 36.96
C SER B 297 15.73 7.34 35.88
N PHE B 298 15.63 7.72 34.61
CA PHE B 298 15.39 6.75 33.56
C PHE B 298 16.68 6.02 33.18
N LYS B 299 16.54 4.70 33.03
CA LYS B 299 17.66 3.83 32.71
C LYS B 299 18.48 4.34 31.53
N TYR B 300 17.83 4.81 30.47
CA TYR B 300 18.53 5.15 29.23
C TYR B 300 18.62 6.67 29.03
N TYR B 301 18.65 7.42 30.15
CA TYR B 301 18.70 8.87 30.11
C TYR B 301 19.90 9.37 29.33
N GLN B 302 21.09 8.86 29.66
CA GLN B 302 22.27 9.43 29.03
C GLN B 302 22.51 8.88 27.64
N LEU B 303 22.01 7.68 27.33
CA LEU B 303 21.98 7.27 25.93
C LEU B 303 20.98 8.12 25.15
N ALA B 304 19.86 8.51 25.78
CA ALA B 304 18.96 9.48 25.15
C ALA B 304 19.66 10.81 24.90
N ARG B 305 20.38 11.31 25.91
CA ARG B 305 21.11 12.58 25.75
C ARG B 305 22.19 12.47 24.70
N GLU B 306 22.65 11.26 24.42
CA GLU B 306 23.70 11.08 23.42
C GLU B 306 23.16 11.23 22.00
N GLN B 307 21.89 10.82 21.77
CA GLN B 307 21.32 10.71 20.43
C GLN B 307 20.15 11.65 20.15
N MET B 308 19.55 12.25 21.16
CA MET B 308 18.28 12.95 20.99
C MET B 308 18.42 14.40 21.42
N LYS B 309 18.05 15.32 20.52
CA LYS B 309 18.01 16.74 20.82
C LYS B 309 17.01 17.05 21.93
N LEU B 310 15.91 16.31 21.99
CA LEU B 310 14.83 16.49 22.94
C LEU B 310 14.40 15.12 23.44
N PRO B 311 13.92 15.01 24.68
CA PRO B 311 13.58 13.68 25.20
C PRO B 311 12.36 13.05 24.53
N GLY B 312 11.75 13.71 23.55
CA GLY B 312 10.57 13.14 22.93
C GLY B 312 9.32 13.45 23.72
N ALA B 313 8.21 12.80 23.30
CA ALA B 313 6.90 13.11 23.86
C ALA B 313 6.06 11.87 24.11
N MET B 314 6.66 10.69 24.07
CA MET B 314 6.02 9.48 24.56
C MET B 314 6.44 9.25 26.01
N ILE B 315 5.47 8.91 26.84
CA ILE B 315 5.67 8.51 28.23
C ILE B 315 4.97 7.19 28.46
N SER B 316 5.67 6.25 29.11
CA SER B 316 5.03 5.08 29.70
C SER B 316 5.19 5.11 31.21
N PHE B 317 4.19 4.56 31.91
CA PHE B 317 4.27 4.50 33.36
C PHE B 317 3.52 3.29 33.88
N GLU B 318 3.94 2.81 35.05
CA GLU B 318 3.28 1.72 35.74
C GLU B 318 2.60 2.25 37.00
N LEU B 319 1.35 1.89 37.17
CA LEU B 319 0.65 2.20 38.40
C LEU B 319 1.00 1.17 39.47
N LYS B 320 1.00 1.63 40.72
CA LYS B 320 0.88 0.70 41.84
C LYS B 320 -0.51 0.08 41.76
N GLY B 321 -0.56 -1.21 41.48
CA GLY B 321 -1.82 -1.85 41.15
C GLY B 321 -1.74 -2.42 39.75
N GLY B 322 -2.52 -3.44 39.45
CA GLY B 322 -2.30 -4.12 38.18
C GLY B 322 -2.99 -3.50 36.98
N VAL B 323 -3.53 -4.37 36.13
CA VAL B 323 -4.37 -3.92 35.02
C VAL B 323 -5.60 -3.21 35.56
N GLU B 324 -6.10 -3.62 36.73
CA GLU B 324 -7.39 -3.12 37.20
C GLU B 324 -7.33 -1.63 37.45
N GLU B 325 -6.26 -1.17 38.09
CA GLU B 325 -6.07 0.26 38.31
C GLU B 325 -5.74 0.97 36.99
N GLY B 326 -5.06 0.28 36.07
CA GLY B 326 -4.86 0.84 34.74
C GLY B 326 -6.15 1.07 33.98
N LYS B 327 -7.07 0.10 34.03
CA LYS B 327 -8.36 0.27 33.38
C LYS B 327 -9.13 1.43 33.99
N ILE B 328 -9.07 1.58 35.31
CA ILE B 328 -9.80 2.65 35.98
C ILE B 328 -9.36 4.02 35.48
N VAL B 329 -8.06 4.18 35.24
CA VAL B 329 -7.55 5.43 34.71
C VAL B 329 -7.98 5.62 33.25
N MET B 330 -7.86 4.56 32.44
CA MET B 330 -8.27 4.65 31.03
C MET B 330 -9.72 5.08 30.90
N ASN B 331 -10.56 4.62 31.82
CA ASN B 331 -12.00 4.78 31.68
C ASN B 331 -12.51 6.05 32.34
N ASN B 332 -11.63 6.88 32.90
CA ASN B 332 -12.07 8.09 33.57
C ASN B 332 -11.29 9.33 33.18
N VAL B 333 -10.36 9.24 32.23
CA VAL B 333 -9.80 10.47 31.69
C VAL B 333 -10.87 11.18 30.86
N LYS B 334 -10.83 12.52 30.87
CA LYS B 334 -11.82 13.32 30.19
C LYS B 334 -11.26 14.12 29.03
N LEU B 335 -9.96 14.43 29.04
CA LEU B 335 -9.31 15.19 27.99
C LEU B 335 -8.41 14.32 27.13
N ALA B 336 -7.62 13.48 27.78
CA ALA B 336 -6.93 12.40 27.08
C ALA B 336 -7.95 11.50 26.40
N THR B 337 -7.58 11.05 25.19
CA THR B 337 -8.44 10.24 24.33
C THR B 337 -7.94 8.80 24.32
N LEU B 338 -8.84 7.87 24.61
CA LEU B 338 -8.53 6.45 24.69
C LEU B 338 -8.48 5.86 23.27
N ALA B 339 -7.26 5.75 22.71
CA ALA B 339 -7.04 5.33 21.33
C ALA B 339 -5.59 4.88 21.19
N VAL B 340 -5.34 4.02 20.20
CA VAL B 340 -3.96 3.74 19.83
C VAL B 340 -3.54 4.80 18.82
N SER B 341 -2.33 4.65 18.26
CA SER B 341 -1.60 5.68 17.51
C SER B 341 -0.98 6.69 18.47
N LEU B 342 -0.28 7.68 17.92
CA LEU B 342 0.48 8.65 18.68
C LEU B 342 0.86 9.79 17.75
N GLY B 343 1.35 10.87 18.34
CA GLY B 343 1.81 11.99 17.53
C GLY B 343 0.74 12.92 17.02
N ASP B 344 -0.42 12.94 17.66
CA ASP B 344 -1.52 13.83 17.27
C ASP B 344 -1.53 15.08 18.15
N SER B 345 -2.27 16.09 17.67
CA SER B 345 -2.57 17.25 18.51
C SER B 345 -3.25 16.84 19.80
N GLU B 346 -4.14 15.84 19.72
CA GLU B 346 -4.86 15.39 20.90
C GLU B 346 -4.00 14.42 21.71
N THR B 347 -3.93 14.63 23.01
CA THR B 347 -3.27 13.65 23.86
C THR B 347 -4.00 12.31 23.79
N LEU B 348 -3.23 11.24 23.62
CA LEU B 348 -3.75 9.89 23.50
C LEU B 348 -3.21 9.00 24.61
N ILE B 349 -4.05 8.09 25.09
CA ILE B 349 -3.70 7.19 26.18
C ILE B 349 -4.19 5.80 25.80
N GLN B 350 -3.38 4.80 26.08
CA GLN B 350 -3.60 3.44 25.63
C GLN B 350 -3.03 2.52 26.69
N HIS B 351 -3.65 1.36 26.87
CA HIS B 351 -3.37 0.51 28.02
C HIS B 351 -3.15 -0.89 27.50
N PRO B 352 -1.92 -1.17 26.93
CA PRO B 352 -1.67 -2.49 26.32
C PRO B 352 -2.17 -3.63 27.19
N ALA B 353 -2.14 -3.43 28.51
CA ALA B 353 -2.48 -4.52 29.43
C ALA B 353 -3.93 -4.96 29.28
N SER B 354 -4.84 -4.03 28.97
CA SER B 354 -6.24 -4.38 28.77
C SER B 354 -6.72 -4.14 27.35
N MET B 355 -5.81 -3.93 26.40
CA MET B 355 -6.26 -3.79 25.02
C MET B 355 -5.21 -4.33 24.05
N THR B 356 -4.11 -3.65 23.86
CA THR B 356 -3.20 -4.14 22.86
C THR B 356 -1.84 -4.40 23.57
N HIS B 357 -1.96 -5.24 24.59
CA HIS B 357 -1.20 -6.46 24.61
C HIS B 357 -1.82 -7.06 23.35
N SER B 358 -1.06 -7.27 22.26
CA SER B 358 -1.81 -7.91 21.19
C SER B 358 -0.92 -8.82 20.34
N PRO B 359 -0.04 -8.30 19.46
CA PRO B 359 0.66 -9.24 18.54
C PRO B 359 1.69 -10.10 19.25
N TYR B 360 2.22 -9.67 20.39
CA TYR B 360 3.06 -10.52 21.23
C TYR B 360 2.22 -11.55 21.98
N THR B 361 2.81 -12.73 22.19
CA THR B 361 2.30 -13.65 23.19
C THR B 361 2.59 -13.12 24.59
N ALA B 362 1.90 -13.68 25.59
CA ALA B 362 2.12 -13.25 26.97
C ALA B 362 3.58 -13.38 27.36
N GLU B 363 4.25 -14.43 26.87
CA GLU B 363 5.67 -14.66 27.16
C GLU B 363 6.56 -13.69 26.40
N GLU B 364 6.32 -13.52 25.09
CA GLU B 364 7.22 -12.76 24.23
C GLU B 364 7.33 -11.29 24.65
N ARG B 365 6.32 -10.75 25.33
CA ARG B 365 6.43 -9.40 25.86
C ARG B 365 6.89 -9.37 27.31
N LYS B 366 6.86 -10.50 28.00
CA LYS B 366 7.61 -10.62 29.25
C LYS B 366 9.09 -10.43 28.99
N ALA B 367 9.58 -10.98 27.88
CA ALA B 367 10.99 -10.83 27.53
C ALA B 367 11.31 -9.38 27.17
N ALA B 368 10.42 -8.71 26.45
CA ALA B 368 10.67 -7.34 26.03
C ALA B 368 10.45 -6.33 27.16
N GLY B 369 9.83 -6.73 28.26
CA GLY B 369 9.53 -5.81 29.33
C GLY B 369 8.20 -5.10 29.23
N ILE B 370 7.18 -5.72 28.65
CA ILE B 370 5.88 -5.08 28.47
C ILE B 370 4.96 -5.65 29.54
N SER B 371 4.98 -5.03 30.71
CA SER B 371 4.17 -5.50 31.82
C SER B 371 2.71 -5.16 31.62
N ASP B 372 1.87 -5.89 32.33
CA ASP B 372 0.53 -5.41 32.62
C ASP B 372 0.63 -4.23 33.58
N GLY B 373 -0.44 -3.45 33.65
CA GLY B 373 -0.36 -2.22 34.41
C GLY B 373 0.49 -1.13 33.78
N LEU B 374 1.10 -1.41 32.64
CA LEU B 374 1.84 -0.42 31.88
C LEU B 374 0.87 0.42 31.05
N VAL B 375 0.87 1.72 31.28
CA VAL B 375 0.10 2.67 30.47
C VAL B 375 1.06 3.46 29.59
N ARG B 376 0.66 3.71 28.35
CA ARG B 376 1.43 4.50 27.41
C ARG B 376 0.67 5.76 27.06
N LEU B 377 1.37 6.89 27.10
CA LEU B 377 0.77 8.20 26.92
C LEU B 377 1.46 8.90 25.77
N SER B 378 0.66 9.37 24.80
CA SER B 378 1.13 10.21 23.70
C SER B 378 0.73 11.64 24.06
N VAL B 379 1.71 12.43 24.51
CA VAL B 379 1.38 13.77 25.00
C VAL B 379 1.07 14.65 23.80
N GLY B 380 -0.07 15.33 23.85
CA GLY B 380 -0.54 16.16 22.76
C GLY B 380 -0.02 17.59 22.83
N LEU B 381 -0.70 18.46 22.09
CA LEU B 381 -0.36 19.87 21.95
C LEU B 381 -1.19 20.77 22.85
N GLU B 382 -2.02 20.19 23.72
CA GLU B 382 -2.86 20.98 24.60
C GLU B 382 -1.99 21.76 25.61
N ASP B 383 -2.63 22.66 26.35
CA ASP B 383 -1.97 23.29 27.48
C ASP B 383 -1.69 22.27 28.56
N ALA B 384 -0.47 22.32 29.11
CA ALA B 384 0.03 21.25 29.98
C ALA B 384 -0.78 21.14 31.27
N GLU B 385 -1.26 22.27 31.80
CA GLU B 385 -2.08 22.25 33.01
C GLU B 385 -3.34 21.43 32.80
N ASP B 386 -3.93 21.56 31.60
CA ASP B 386 -5.14 20.81 31.30
C ASP B 386 -4.85 19.32 31.21
N ILE B 387 -3.78 18.93 30.50
CA ILE B 387 -3.40 17.52 30.44
C ILE B 387 -3.15 16.97 31.84
N ILE B 388 -2.45 17.73 32.68
CA ILE B 388 -2.08 17.26 34.02
C ILE B 388 -3.30 17.19 34.93
N ASP B 389 -4.15 18.23 34.90
CA ASP B 389 -5.39 18.19 35.67
C ASP B 389 -6.21 16.96 35.34
N ASP B 390 -6.24 16.58 34.06
CA ASP B 390 -7.07 15.44 33.69
C ASP B 390 -6.44 14.14 34.14
N LEU B 391 -5.13 14.01 33.97
CA LEU B 391 -4.44 12.82 34.48
C LEU B 391 -4.56 12.74 36.00
N LYS B 392 -4.53 13.89 36.68
CA LYS B 392 -4.56 13.90 38.14
C LYS B 392 -5.90 13.39 38.67
N GLN B 393 -7.01 13.86 38.09
CA GLN B 393 -8.32 13.44 38.57
C GLN B 393 -8.54 11.94 38.37
N ALA B 394 -8.08 11.40 37.23
CA ALA B 394 -8.24 9.97 36.99
C ALA B 394 -7.34 9.15 37.92
N LEU B 395 -6.10 9.62 38.14
CA LEU B 395 -5.18 8.90 39.00
C LEU B 395 -5.62 8.94 40.47
N ASP B 396 -6.17 10.08 40.91
CA ASP B 396 -6.65 10.18 42.27
C ASP B 396 -7.66 9.10 42.59
N LEU B 397 -8.35 8.57 41.58
CA LEU B 397 -9.34 7.53 41.82
C LEU B 397 -8.72 6.28 42.41
N ILE B 398 -7.46 5.98 42.11
CA ILE B 398 -6.84 4.74 42.59
C ILE B 398 -5.93 4.99 43.80
N VAL B 399 -6.02 6.16 44.43
CA VAL B 399 -5.17 6.44 45.58
C VAL B 399 -5.88 6.01 46.86
#